data_7ULT
#
_entry.id   7ULT
#
_cell.length_a   166.681
_cell.length_b   166.681
_cell.length_c   98.550
_cell.angle_alpha   90.000
_cell.angle_beta   90.000
_cell.angle_gamma   120.000
#
_symmetry.space_group_name_H-M   'P 32 2 1'
#
loop_
_entity.id
_entity.type
_entity.pdbx_description
1 polymer "2'-O-methyltransferase"
2 polymer 'Non-structural protein 10'
3 non-polymer 'SODIUM ION'
4 non-polymer 'FORMIC ACID'
5 non-polymer 'ZINC ION'
6 water water
#
loop_
_entity_poly.entity_id
_entity_poly.type
_entity_poly.pdbx_seq_one_letter_code
_entity_poly.pdbx_strand_id
1 'polypeptide(L)'
;SNSSQAWQPGVAMPNLYKMQRMLLEKCDLQNYGDSATLPKGIMMNVAKYTQLCQYLNTLTLAVPYNMRVIHFGAGSDKGV
APGTAVLRQWLPTGTLLVDSDLNDFVSDADSTLIGDCATVHTANKWDLIISDMYDPKTKNVTKENDSKEGFFTYICGFIQ
QKLALGGSVAIKITEHSWNADLYKLMGHFAWWTAFVTNVNASSSEAFLIGCNYLGKPREQIDGYVMHANYIFWRNTNPIQ
LSSYSLFDMSKFPLKLRGTAVMSLKEGQINDMILSLLSKGRLIIRENNRVVISSDVLVNN
;
A,C
2 'polypeptide(L)'
;SNAGNATEVPANSTVLSFCAFAVDAAKAYKDYLASGGQPITNCVKMLCTHTGTGQAITVTPEANMDQESFGGASCCLYCR
CHIDHPNPKGFCDLKGKYVQIPTTCANDPVGFTLKNTVCTVCGMWKGYGCSCDQLREPMLQ
;
B,D
#
loop_
_chem_comp.id
_chem_comp.type
_chem_comp.name
_chem_comp.formula
FMT non-polymer 'FORMIC ACID' 'C H2 O2'
NA non-polymer 'SODIUM ION' 'Na 1'
ZN non-polymer 'ZINC ION' 'Zn 2'
#
# COMPACT_ATOMS: atom_id res chain seq x y z
N SER A 3 -3.36 15.57 -45.75
CA SER A 3 -4.20 14.40 -46.14
C SER A 3 -3.45 13.08 -45.83
N SER A 4 -2.17 13.02 -46.22
CA SER A 4 -1.31 11.81 -46.03
C SER A 4 -1.09 11.47 -44.55
N GLN A 5 -1.08 12.48 -43.69
N GLN A 5 -1.08 12.48 -43.68
CA GLN A 5 -0.84 12.24 -42.23
CA GLN A 5 -0.84 12.22 -42.23
C GLN A 5 -2.07 11.58 -41.59
C GLN A 5 -2.07 11.58 -41.59
N ALA A 6 -3.25 11.69 -42.22
CA ALA A 6 -4.51 11.13 -41.65
C ALA A 6 -4.51 9.60 -41.54
N TRP A 7 -3.61 8.96 -42.30
N TRP A 7 -3.66 8.90 -42.31
CA TRP A 7 -3.48 7.48 -42.34
CA TRP A 7 -3.63 7.42 -42.18
C TRP A 7 -2.53 7.02 -41.22
C TRP A 7 -2.54 6.99 -41.18
N GLN A 8 -1.79 7.96 -40.64
CA GLN A 8 -0.76 7.64 -39.60
C GLN A 8 -1.47 7.60 -38.24
N PRO A 9 -0.80 7.05 -37.20
CA PRO A 9 -1.36 7.09 -35.85
C PRO A 9 -1.30 8.52 -35.30
N GLY A 10 -0.45 9.36 -35.90
CA GLY A 10 -0.29 10.75 -35.44
C GLY A 10 0.82 11.45 -36.18
N VAL A 11 1.28 12.57 -35.66
CA VAL A 11 2.35 13.34 -36.35
C VAL A 11 3.42 13.74 -35.33
N ALA A 12 4.68 13.47 -35.69
CA ALA A 12 5.86 13.82 -34.88
C ALA A 12 6.38 15.17 -35.37
N MET A 13 6.83 16.01 -34.45
CA MET A 13 7.38 17.35 -34.77
C MET A 13 8.60 17.21 -35.66
N PRO A 14 8.60 17.80 -36.87
CA PRO A 14 9.76 17.73 -37.75
C PRO A 14 11.01 18.30 -37.07
N ASN A 15 12.16 17.70 -37.38
CA ASN A 15 13.45 18.11 -36.73
C ASN A 15 13.79 19.59 -36.92
N LEU A 16 13.42 20.18 -38.06
N LEU A 16 13.42 20.19 -38.05
CA LEU A 16 13.78 21.61 -38.33
CA LEU A 16 13.82 21.60 -38.30
C LEU A 16 13.24 22.53 -37.23
C LEU A 16 13.25 22.53 -37.22
N TYR A 17 12.10 22.19 -36.63
CA TYR A 17 11.54 23.06 -35.54
C TYR A 17 12.47 23.09 -34.33
N LYS A 18 13.17 21.99 -34.06
CA LYS A 18 14.08 21.90 -32.90
C LYS A 18 15.25 22.88 -33.04
N MET A 19 15.59 23.27 -34.28
CA MET A 19 16.77 24.15 -34.53
C MET A 19 16.37 25.63 -34.60
N GLN A 20 15.11 25.96 -34.33
CA GLN A 20 14.68 27.38 -34.42
C GLN A 20 14.71 28.05 -33.04
N ARG A 21 14.50 29.35 -32.99
CA ARG A 21 14.41 30.07 -31.70
C ARG A 21 13.14 30.93 -31.79
N MET A 22 12.00 30.30 -31.55
CA MET A 22 10.70 31.00 -31.67
C MET A 22 10.35 31.69 -30.36
N LEU A 23 9.55 32.74 -30.49
CA LEU A 23 9.02 33.48 -29.33
C LEU A 23 7.75 32.73 -28.93
N LEU A 24 7.51 32.55 -27.64
CA LEU A 24 6.29 31.84 -27.19
C LEU A 24 5.07 32.72 -27.46
N GLU A 25 3.95 32.08 -27.79
CA GLU A 25 2.68 32.81 -27.95
C GLU A 25 1.55 31.80 -27.79
N LYS A 26 0.30 32.26 -27.84
CA LYS A 26 -0.85 31.37 -27.66
C LYS A 26 -0.87 30.26 -28.71
N CYS A 27 -1.27 29.07 -28.26
CA CYS A 27 -1.48 27.94 -29.20
C CYS A 27 -2.91 28.09 -29.71
N ASP A 28 -3.08 28.39 -31.00
CA ASP A 28 -4.43 28.64 -31.58
C ASP A 28 -4.65 27.61 -32.68
N LEU A 29 -5.34 26.51 -32.37
CA LEU A 29 -5.48 25.41 -33.35
C LEU A 29 -6.70 25.66 -34.25
N GLN A 30 -6.50 25.54 -35.57
CA GLN A 30 -7.57 25.73 -36.57
C GLN A 30 -8.67 24.69 -36.38
N ASN A 31 -8.29 23.48 -35.97
CA ASN A 31 -9.21 22.32 -35.82
C ASN A 31 -9.66 22.17 -34.36
N TYR A 32 -9.51 23.22 -33.54
CA TYR A 32 -9.86 23.20 -32.09
C TYR A 32 -11.36 22.94 -31.90
N GLY A 33 -11.75 22.62 -30.66
CA GLY A 33 -13.15 22.35 -30.27
C GLY A 33 -13.72 21.09 -30.87
N ASP A 34 -13.19 20.66 -32.03
CA ASP A 34 -13.69 19.45 -32.74
C ASP A 34 -13.28 18.18 -31.99
N SER A 35 -13.83 17.03 -32.41
CA SER A 35 -13.59 15.66 -31.88
C SER A 35 -13.65 14.66 -33.05
N ALA A 36 -12.78 13.64 -33.05
CA ALA A 36 -12.74 12.62 -34.13
C ALA A 36 -13.81 11.54 -33.92
N THR A 37 -14.06 10.73 -34.96
CA THR A 37 -15.07 9.63 -34.94
C THR A 37 -14.42 8.35 -34.36
N LEU A 38 -14.67 8.10 -33.07
CA LEU A 38 -14.07 6.93 -32.38
C LEU A 38 -14.83 5.65 -32.75
N PRO A 39 -14.15 4.49 -32.82
CA PRO A 39 -14.82 3.22 -33.05
C PRO A 39 -15.86 3.02 -31.93
N LYS A 40 -16.95 2.31 -32.24
CA LYS A 40 -18.06 2.08 -31.27
C LYS A 40 -17.54 1.58 -29.92
N GLY A 41 -17.95 2.25 -28.84
CA GLY A 41 -17.62 1.86 -27.45
C GLY A 41 -16.15 2.02 -27.08
N ILE A 42 -15.34 2.63 -27.94
CA ILE A 42 -13.89 2.83 -27.59
C ILE A 42 -13.72 4.21 -26.94
N MET A 43 -13.13 4.23 -25.75
CA MET A 43 -12.85 5.45 -24.93
C MET A 43 -11.74 6.27 -25.59
N MET A 44 -11.75 7.58 -25.40
CA MET A 44 -10.67 8.44 -25.94
C MET A 44 -9.31 7.95 -25.40
N ASN A 45 -9.21 7.62 -24.11
CA ASN A 45 -7.90 7.16 -23.56
C ASN A 45 -7.43 5.88 -24.26
N VAL A 46 -8.32 4.94 -24.56
CA VAL A 46 -7.85 3.71 -25.28
C VAL A 46 -7.36 4.12 -26.67
N ALA A 47 -8.10 4.98 -27.37
CA ALA A 47 -7.72 5.40 -28.74
C ALA A 47 -6.38 6.11 -28.73
N LYS A 48 -6.22 7.04 -27.79
CA LYS A 48 -4.98 7.86 -27.69
C LYS A 48 -3.78 6.97 -27.38
N TYR A 49 -3.88 6.08 -26.39
CA TYR A 49 -2.74 5.19 -26.06
C TYR A 49 -2.46 4.23 -27.22
N THR A 50 -3.51 3.78 -27.91
CA THR A 50 -3.28 2.87 -29.06
C THR A 50 -2.43 3.59 -30.11
N GLN A 51 -2.75 4.84 -30.42
CA GLN A 51 -1.97 5.59 -31.43
C GLN A 51 -0.56 5.89 -30.91
N LEU A 52 -0.40 6.18 -29.63
CA LEU A 52 0.97 6.41 -29.07
C LEU A 52 1.80 5.14 -29.27
N CYS A 53 1.26 3.98 -28.89
CA CYS A 53 2.01 2.70 -29.04
C CYS A 53 2.27 2.40 -30.52
N GLN A 54 1.28 2.69 -31.38
CA GLN A 54 1.48 2.47 -32.84
C GLN A 54 2.69 3.29 -33.30
N TYR A 55 2.85 4.51 -32.78
CA TYR A 55 4.01 5.34 -33.18
C TYR A 55 5.29 4.82 -32.51
N LEU A 56 5.21 4.45 -31.22
CA LEU A 56 6.43 3.94 -30.52
C LEU A 56 6.95 2.69 -31.22
N ASN A 57 6.08 1.93 -31.89
CA ASN A 57 6.53 0.74 -32.65
C ASN A 57 7.53 1.13 -33.74
N THR A 58 7.48 2.36 -34.23
CA THR A 58 8.36 2.78 -35.36
C THR A 58 9.73 3.26 -34.85
N LEU A 59 9.94 3.28 -33.53
CA LEU A 59 11.20 3.82 -32.96
C LEU A 59 12.12 2.66 -32.52
N THR A 60 13.36 3.01 -32.17
CA THR A 60 14.38 2.03 -31.73
C THR A 60 14.27 1.78 -30.22
N LEU A 61 13.07 1.46 -29.73
CA LEU A 61 12.89 1.15 -28.29
C LEU A 61 13.66 -0.13 -27.93
N ALA A 62 14.34 -0.11 -26.79
CA ALA A 62 14.99 -1.34 -26.25
C ALA A 62 13.85 -2.17 -25.65
N VAL A 63 13.78 -3.46 -26.00
CA VAL A 63 12.71 -4.37 -25.50
C VAL A 63 13.39 -5.62 -24.95
N PRO A 64 13.92 -5.57 -23.72
CA PRO A 64 14.58 -6.73 -23.14
C PRO A 64 13.59 -7.79 -22.65
N TYR A 65 14.07 -9.03 -22.46
CA TYR A 65 13.19 -10.01 -21.80
C TYR A 65 13.00 -9.45 -20.38
N ASN A 66 11.86 -9.66 -19.73
CA ASN A 66 11.69 -9.12 -18.35
C ASN A 66 11.77 -7.59 -18.41
N MET A 67 11.08 -7.00 -19.37
CA MET A 67 11.05 -5.52 -19.52
C MET A 67 10.32 -4.91 -18.31
N ARG A 68 10.72 -3.70 -17.91
CA ARG A 68 10.12 -2.99 -16.75
C ARG A 68 9.53 -1.66 -17.22
N VAL A 69 8.23 -1.48 -17.00
CA VAL A 69 7.52 -0.25 -17.47
C VAL A 69 6.76 0.37 -16.30
N ILE A 70 6.87 1.69 -16.13
CA ILE A 70 6.11 2.40 -15.07
C ILE A 70 5.23 3.44 -15.76
N HIS A 71 3.98 3.52 -15.33
CA HIS A 71 2.94 4.40 -15.93
C HIS A 71 2.32 5.34 -14.90
N PHE A 72 2.60 6.64 -15.04
CA PHE A 72 2.10 7.72 -14.15
C PHE A 72 0.86 8.37 -14.74
N GLY A 73 -0.07 8.80 -13.88
CA GLY A 73 -1.34 9.44 -14.27
C GLY A 73 -2.27 8.43 -14.91
N ALA A 74 -2.27 7.18 -14.42
CA ALA A 74 -3.02 6.07 -15.06
C ALA A 74 -4.49 5.96 -14.64
N GLY A 75 -4.95 6.71 -13.64
CA GLY A 75 -6.35 6.56 -13.19
C GLY A 75 -7.32 7.44 -13.95
N SER A 76 -8.48 6.89 -14.33
CA SER A 76 -9.52 7.69 -15.03
C SER A 76 -10.49 8.27 -13.99
N ASP A 77 -11.37 9.17 -14.43
CA ASP A 77 -12.38 9.78 -13.52
C ASP A 77 -13.33 8.69 -13.03
N LYS A 78 -13.46 7.58 -13.77
CA LYS A 78 -14.43 6.51 -13.37
C LYS A 78 -13.73 5.40 -12.59
N GLY A 79 -12.45 5.57 -12.26
CA GLY A 79 -11.77 4.58 -11.39
C GLY A 79 -11.23 3.35 -12.12
N VAL A 80 -10.97 3.45 -13.42
CA VAL A 80 -10.34 2.32 -14.15
C VAL A 80 -9.05 2.85 -14.80
N ALA A 81 -8.34 1.98 -15.53
CA ALA A 81 -7.03 2.38 -16.11
C ALA A 81 -6.98 1.98 -17.58
N PRO A 82 -7.64 2.75 -18.47
CA PRO A 82 -7.69 2.42 -19.89
C PRO A 82 -6.30 2.41 -20.54
N GLY A 83 -5.47 3.40 -20.22
CA GLY A 83 -4.11 3.48 -20.78
C GLY A 83 -3.28 2.29 -20.36
N THR A 84 -3.42 1.89 -19.08
CA THR A 84 -2.66 0.72 -18.59
C THR A 84 -3.09 -0.53 -19.37
N ALA A 85 -4.39 -0.68 -19.58
CA ALA A 85 -4.91 -1.83 -20.36
C ALA A 85 -4.26 -1.86 -21.75
N VAL A 86 -4.13 -0.70 -22.40
CA VAL A 86 -3.49 -0.63 -23.75
C VAL A 86 -2.00 -0.97 -23.64
N LEU A 87 -1.27 -0.38 -22.68
CA LEU A 87 0.18 -0.71 -22.54
C LEU A 87 0.37 -2.21 -22.32
N ARG A 88 -0.48 -2.82 -21.50
CA ARG A 88 -0.32 -4.28 -21.22
C ARG A 88 -0.62 -5.07 -22.49
N GLN A 89 -1.54 -4.60 -23.33
CA GLN A 89 -1.86 -5.28 -24.61
C GLN A 89 -0.64 -5.17 -25.53
N TRP A 90 -0.10 -3.96 -25.62
CA TRP A 90 1.05 -3.64 -26.50
C TRP A 90 2.33 -4.35 -26.07
N LEU A 91 2.65 -4.29 -24.79
CA LEU A 91 3.93 -4.86 -24.28
C LEU A 91 3.94 -6.37 -24.33
N PRO A 92 5.13 -6.99 -24.49
CA PRO A 92 5.24 -8.44 -24.48
C PRO A 92 4.61 -9.01 -23.19
N THR A 93 3.99 -10.18 -23.31
CA THR A 93 3.38 -10.86 -22.14
C THR A 93 4.48 -11.08 -21.11
N GLY A 94 4.21 -10.82 -19.83
CA GLY A 94 5.23 -11.03 -18.80
C GLY A 94 5.97 -9.75 -18.46
N THR A 95 5.82 -8.71 -19.29
CA THR A 95 6.47 -7.40 -18.98
C THR A 95 5.97 -6.92 -17.62
N LEU A 96 6.87 -6.50 -16.74
CA LEU A 96 6.43 -5.95 -15.43
C LEU A 96 5.89 -4.55 -15.69
N LEU A 97 4.64 -4.31 -15.28
CA LEU A 97 3.98 -3.01 -15.50
C LEU A 97 3.44 -2.48 -14.17
N VAL A 98 3.95 -1.32 -13.76
CA VAL A 98 3.51 -0.65 -12.51
C VAL A 98 2.81 0.65 -12.91
N ASP A 99 1.66 0.95 -12.31
CA ASP A 99 1.02 2.24 -12.64
C ASP A 99 0.77 3.03 -11.36
N SER A 100 0.40 4.29 -11.52
CA SER A 100 0.21 5.17 -10.34
C SER A 100 -0.68 6.37 -10.68
N ASP A 101 -1.41 6.86 -9.68
CA ASP A 101 -2.20 8.11 -9.84
C ASP A 101 -2.55 8.60 -8.44
N LEU A 102 -3.07 9.83 -8.36
CA LEU A 102 -3.40 10.52 -7.08
C LEU A 102 -4.59 9.86 -6.38
N ASN A 103 -5.53 9.30 -7.14
CA ASN A 103 -6.76 8.73 -6.51
C ASN A 103 -6.91 7.25 -6.87
N ASP A 104 -7.67 6.54 -6.05
CA ASP A 104 -7.92 5.09 -6.18
C ASP A 104 -8.45 4.76 -7.57
N PHE A 105 -8.03 3.63 -8.09
CA PHE A 105 -8.53 3.14 -9.39
C PHE A 105 -8.22 1.65 -9.45
N VAL A 106 -8.94 0.91 -10.29
N VAL A 106 -8.93 0.96 -10.34
CA VAL A 106 -8.68 -0.55 -10.45
CA VAL A 106 -8.79 -0.50 -10.61
C VAL A 106 -7.91 -0.72 -11.77
C VAL A 106 -7.85 -0.64 -11.82
N SER A 107 -6.81 -1.47 -11.71
CA SER A 107 -5.85 -1.60 -12.84
C SER A 107 -5.49 -3.05 -13.15
N ASP A 108 -5.04 -3.26 -14.39
CA ASP A 108 -4.52 -4.56 -14.89
C ASP A 108 -3.01 -4.59 -14.64
N ALA A 109 -2.44 -3.52 -14.07
CA ALA A 109 -0.99 -3.47 -13.82
C ALA A 109 -0.61 -4.53 -12.79
N ASP A 110 0.64 -4.98 -12.84
CA ASP A 110 1.16 -5.96 -11.84
C ASP A 110 1.05 -5.34 -10.45
N SER A 111 1.31 -4.02 -10.35
N SER A 111 1.32 -4.03 -10.34
CA SER A 111 1.22 -3.31 -9.05
CA SER A 111 1.20 -3.32 -9.03
C SER A 111 0.72 -1.88 -9.30
C SER A 111 0.75 -1.88 -9.28
N THR A 112 -0.08 -1.34 -8.38
CA THR A 112 -0.61 0.04 -8.51
C THR A 112 -0.31 0.83 -7.25
N LEU A 113 0.25 2.03 -7.40
CA LEU A 113 0.57 2.93 -6.25
C LEU A 113 -0.39 4.11 -6.27
N ILE A 114 -1.03 4.41 -5.13
CA ILE A 114 -2.01 5.54 -5.05
C ILE A 114 -1.40 6.66 -4.19
N GLY A 115 -1.39 7.89 -4.73
CA GLY A 115 -0.87 9.08 -4.03
C GLY A 115 -0.09 9.99 -4.97
N ASP A 116 0.34 11.14 -4.47
CA ASP A 116 1.16 12.12 -5.23
C ASP A 116 2.37 11.35 -5.81
N CYS A 117 2.73 11.58 -7.08
CA CYS A 117 3.86 10.81 -7.66
C CYS A 117 5.14 11.08 -6.86
N ALA A 118 5.21 12.19 -6.12
CA ALA A 118 6.41 12.46 -5.29
C ALA A 118 6.54 11.44 -4.16
N THR A 119 5.44 10.73 -3.82
CA THR A 119 5.45 9.70 -2.73
C THR A 119 5.92 8.35 -3.29
N VAL A 120 6.09 8.25 -4.62
CA VAL A 120 6.50 6.95 -5.26
C VAL A 120 8.02 6.77 -5.15
N HIS A 121 8.43 5.60 -4.66
CA HIS A 121 9.87 5.23 -4.54
C HIS A 121 10.08 3.86 -5.18
N THR A 122 11.18 3.71 -5.92
CA THR A 122 11.54 2.41 -6.54
C THR A 122 13.03 2.20 -6.30
N ALA A 123 13.40 1.02 -5.83
CA ALA A 123 14.83 0.71 -5.64
C ALA A 123 15.48 0.34 -6.98
N ASN A 124 14.66 0.05 -8.00
N ASN A 124 14.67 0.14 -8.01
CA ASN A 124 15.17 -0.43 -9.32
CA ASN A 124 15.22 -0.34 -9.31
C ASN A 124 15.03 0.62 -10.42
C ASN A 124 15.08 0.69 -10.42
N LYS A 125 15.70 0.36 -11.55
CA LYS A 125 15.67 1.21 -12.76
C LYS A 125 14.62 0.61 -13.70
N TRP A 126 14.12 1.44 -14.60
CA TRP A 126 13.01 1.10 -15.52
C TRP A 126 13.49 1.21 -16.98
N ASP A 127 12.80 0.51 -17.87
CA ASP A 127 13.16 0.45 -19.31
C ASP A 127 12.27 1.43 -20.08
N LEU A 128 11.11 1.75 -19.52
CA LEU A 128 10.16 2.66 -20.18
C LEU A 128 9.30 3.38 -19.14
N ILE A 129 9.18 4.70 -19.29
CA ILE A 129 8.32 5.52 -18.41
C ILE A 129 7.26 6.19 -19.29
N ILE A 130 5.99 5.94 -18.96
CA ILE A 130 4.86 6.58 -19.68
C ILE A 130 4.16 7.50 -18.67
N SER A 131 3.83 8.74 -19.07
CA SER A 131 3.10 9.64 -18.15
C SER A 131 1.93 10.31 -18.85
N ASP A 132 0.76 10.29 -18.20
CA ASP A 132 -0.42 11.04 -18.68
C ASP A 132 -0.78 12.05 -17.58
N MET A 133 0.16 12.33 -16.66
N MET A 133 0.14 12.30 -16.64
CA MET A 133 -0.09 13.29 -15.56
CA MET A 133 -0.13 13.29 -15.56
C MET A 133 -0.34 14.68 -16.16
C MET A 133 -0.38 14.66 -16.18
N TYR A 134 -1.28 15.42 -15.59
CA TYR A 134 -1.63 16.77 -16.11
C TYR A 134 -1.60 17.77 -14.95
N ASP A 135 -0.83 18.85 -15.11
CA ASP A 135 -0.64 19.88 -14.05
C ASP A 135 -0.23 21.19 -14.73
N PRO A 136 -1.21 21.95 -15.28
CA PRO A 136 -0.89 23.19 -16.00
C PRO A 136 -0.27 24.30 -15.13
N LYS A 137 0.13 25.40 -15.79
CA LYS A 137 0.79 26.61 -15.22
C LYS A 137 2.30 26.51 -15.51
N GLU A 144 0.37 32.96 -16.17
CA GLU A 144 1.33 33.18 -17.28
C GLU A 144 1.87 31.83 -17.76
N ASN A 145 2.06 31.64 -19.08
CA ASN A 145 2.56 30.34 -19.56
C ASN A 145 4.07 30.19 -19.26
N ASP A 146 4.41 29.92 -17.99
CA ASP A 146 5.81 29.70 -17.57
C ASP A 146 6.01 28.20 -17.29
N SER A 147 7.27 27.78 -17.22
CA SER A 147 7.61 26.35 -16.95
C SER A 147 6.90 25.90 -15.67
N LYS A 148 6.19 24.77 -15.70
CA LYS A 148 5.51 24.29 -14.45
C LYS A 148 6.37 23.22 -13.79
N GLU A 149 6.41 23.23 -12.45
CA GLU A 149 7.18 22.25 -11.65
C GLU A 149 6.19 21.14 -11.22
N GLY A 150 6.01 20.95 -9.91
CA GLY A 150 5.10 19.92 -9.38
C GLY A 150 5.49 18.53 -9.84
N PHE A 151 4.62 17.83 -10.55
CA PHE A 151 5.03 16.46 -10.96
C PHE A 151 6.16 16.54 -12.00
N PHE A 152 6.32 17.65 -12.73
CA PHE A 152 7.43 17.69 -13.73
C PHE A 152 8.78 17.65 -12.99
N THR A 153 8.87 18.30 -11.83
CA THR A 153 10.14 18.28 -11.06
C THR A 153 10.43 16.81 -10.67
N TYR A 154 9.39 16.11 -10.24
CA TYR A 154 9.55 14.70 -9.84
C TYR A 154 9.97 13.83 -11.03
N ILE A 155 9.30 14.00 -12.17
N ILE A 155 9.27 13.97 -12.16
CA ILE A 155 9.58 13.13 -13.35
CA ILE A 155 9.56 13.18 -13.40
C ILE A 155 11.00 13.40 -13.87
C ILE A 155 11.00 13.41 -13.86
N CYS A 156 11.48 14.65 -13.84
CA CYS A 156 12.88 14.94 -14.29
C CYS A 156 13.87 14.19 -13.37
N GLY A 157 13.61 14.22 -12.06
CA GLY A 157 14.48 13.51 -11.09
C GLY A 157 14.37 12.01 -11.28
N PHE A 158 13.15 11.50 -11.51
CA PHE A 158 12.92 10.05 -11.70
C PHE A 158 13.68 9.56 -12.94
N ILE A 159 13.60 10.31 -14.04
CA ILE A 159 14.32 9.97 -15.30
C ILE A 159 15.83 9.93 -15.02
N GLN A 160 16.37 10.94 -14.33
CA GLN A 160 17.83 11.00 -14.12
C GLN A 160 18.35 9.97 -13.11
N GLN A 161 17.48 9.40 -12.28
N GLN A 161 17.47 9.40 -12.29
CA GLN A 161 17.95 8.45 -11.24
CA GLN A 161 17.92 8.45 -11.24
C GLN A 161 17.38 7.03 -11.45
C GLN A 161 17.38 7.03 -11.46
N LYS A 162 16.22 6.89 -12.09
CA LYS A 162 15.60 5.53 -12.21
C LYS A 162 15.40 5.05 -13.65
N LEU A 163 15.88 5.77 -14.65
CA LEU A 163 15.72 5.26 -16.03
C LEU A 163 17.01 4.55 -16.45
N ALA A 164 16.90 3.31 -16.90
CA ALA A 164 18.09 2.56 -17.38
C ALA A 164 18.66 3.24 -18.62
N LEU A 165 19.99 3.23 -18.77
CA LEU A 165 20.57 3.78 -20.03
C LEU A 165 20.00 2.91 -21.15
N GLY A 166 19.59 3.52 -22.27
CA GLY A 166 18.95 2.77 -23.36
C GLY A 166 17.43 2.82 -23.23
N GLY A 167 16.94 3.21 -22.04
CA GLY A 167 15.49 3.31 -21.77
C GLY A 167 14.85 4.49 -22.50
N SER A 168 13.52 4.52 -22.55
CA SER A 168 12.80 5.59 -23.27
C SER A 168 11.66 6.13 -22.41
N VAL A 169 11.13 7.29 -22.80
CA VAL A 169 9.99 7.89 -22.06
C VAL A 169 9.00 8.47 -23.08
N ALA A 170 7.75 8.57 -22.64
CA ALA A 170 6.66 9.26 -23.37
C ALA A 170 5.91 10.02 -22.27
N ILE A 171 6.16 11.34 -22.20
CA ILE A 171 5.59 12.21 -21.13
C ILE A 171 4.61 13.20 -21.75
N LYS A 172 3.37 13.17 -21.29
CA LYS A 172 2.34 14.06 -21.86
C LYS A 172 2.57 15.51 -21.43
N ILE A 173 2.46 16.42 -22.40
CA ILE A 173 2.55 17.88 -22.18
C ILE A 173 1.38 18.52 -22.93
N THR A 174 1.12 19.78 -22.63
CA THR A 174 0.09 20.58 -23.35
C THR A 174 0.65 21.99 -23.45
N GLU A 175 -0.13 22.89 -24.01
CA GLU A 175 0.33 24.30 -24.10
C GLU A 175 0.73 24.79 -22.70
N HIS A 176 -0.08 24.48 -21.69
CA HIS A 176 0.15 25.02 -20.32
C HIS A 176 0.77 24.00 -19.35
N SER A 177 0.66 22.71 -19.64
CA SER A 177 1.25 21.67 -18.76
C SER A 177 2.57 21.23 -19.38
N TRP A 178 3.66 21.88 -18.99
CA TRP A 178 4.99 21.58 -19.55
C TRP A 178 6.04 22.07 -18.57
N ASN A 179 7.30 21.71 -18.83
CA ASN A 179 8.41 22.10 -17.93
C ASN A 179 9.67 22.30 -18.77
N ALA A 180 10.38 23.41 -18.58
CA ALA A 180 11.62 23.71 -19.33
C ALA A 180 12.68 22.63 -19.07
N ASP A 181 12.79 22.17 -17.82
CA ASP A 181 13.78 21.12 -17.45
C ASP A 181 13.50 19.81 -18.18
N LEU A 182 12.23 19.47 -18.40
CA LEU A 182 11.93 18.21 -19.14
C LEU A 182 12.41 18.35 -20.59
N TYR A 183 12.19 19.50 -21.23
CA TYR A 183 12.70 19.66 -22.60
C TYR A 183 14.22 19.55 -22.58
N LYS A 184 14.88 20.15 -21.57
CA LYS A 184 16.36 20.10 -21.48
C LYS A 184 16.79 18.61 -21.39
N LEU A 185 16.06 17.81 -20.60
CA LEU A 185 16.39 16.36 -20.45
C LEU A 185 16.23 15.61 -21.77
N MET A 186 15.39 16.09 -22.70
CA MET A 186 15.25 15.37 -23.98
C MET A 186 16.63 15.33 -24.67
N GLY A 187 17.50 16.30 -24.36
CA GLY A 187 18.84 16.33 -24.96
C GLY A 187 19.75 15.25 -24.38
N HIS A 188 19.25 14.49 -23.39
CA HIS A 188 20.02 13.40 -22.72
C HIS A 188 19.65 12.05 -23.34
N PHE A 189 18.88 12.08 -24.43
CA PHE A 189 18.46 10.85 -25.17
C PHE A 189 19.14 10.87 -26.53
N ALA A 190 19.27 9.72 -27.18
CA ALA A 190 19.89 9.68 -28.53
C ALA A 190 19.02 10.47 -29.51
N TRP A 191 17.70 10.46 -29.26
CA TRP A 191 16.74 11.17 -30.13
C TRP A 191 15.47 11.49 -29.34
N TRP A 192 14.72 12.49 -29.78
CA TRP A 192 13.48 12.87 -29.07
C TRP A 192 12.53 13.53 -30.06
N THR A 193 11.25 13.61 -29.69
CA THR A 193 10.28 14.35 -30.52
C THR A 193 9.06 14.69 -29.67
N ALA A 194 8.17 15.50 -30.24
CA ALA A 194 6.86 15.77 -29.63
C ALA A 194 5.87 15.09 -30.57
N PHE A 195 5.09 14.15 -30.05
CA PHE A 195 4.18 13.36 -30.90
C PHE A 195 2.72 13.70 -30.57
N VAL A 196 1.96 14.01 -31.61
CA VAL A 196 0.51 14.37 -31.49
C VAL A 196 -0.29 13.20 -32.03
N THR A 197 -1.19 12.64 -31.21
CA THR A 197 -2.06 11.53 -31.68
C THR A 197 -3.10 12.14 -32.63
N ASN A 198 -3.40 11.44 -33.72
CA ASN A 198 -4.40 11.96 -34.69
C ASN A 198 -5.80 12.05 -34.06
N VAL A 199 -6.09 11.21 -33.08
N VAL A 199 -6.12 11.19 -33.09
CA VAL A 199 -7.44 11.19 -32.47
CA VAL A 199 -7.49 11.23 -32.48
C VAL A 199 -7.61 12.41 -31.55
C VAL A 199 -7.62 12.46 -31.59
N ASN A 200 -6.50 13.04 -31.14
CA ASN A 200 -6.60 14.20 -30.22
C ASN A 200 -5.88 15.41 -30.83
N ALA A 201 -5.81 15.47 -32.16
CA ALA A 201 -5.07 16.56 -32.84
C ALA A 201 -5.72 17.94 -32.62
N SER A 202 -6.94 18.00 -32.10
CA SER A 202 -7.62 19.29 -31.84
C SER A 202 -7.17 19.86 -30.49
N SER A 203 -6.30 19.15 -29.78
CA SER A 203 -5.75 19.57 -28.47
C SER A 203 -4.28 19.95 -28.61
N SER A 204 -3.79 20.83 -27.73
CA SER A 204 -2.37 21.26 -27.68
C SER A 204 -1.54 20.12 -27.07
N GLU A 205 -2.22 19.06 -26.64
CA GLU A 205 -1.52 17.90 -26.05
C GLU A 205 -0.51 17.29 -27.03
N ALA A 206 0.60 16.83 -26.48
CA ALA A 206 1.58 16.02 -27.25
C ALA A 206 2.31 15.13 -26.24
N PHE A 207 2.92 14.08 -26.73
CA PHE A 207 3.79 13.24 -25.87
C PHE A 207 5.25 13.59 -26.19
N LEU A 208 5.99 14.07 -25.19
CA LEU A 208 7.44 14.30 -25.37
C LEU A 208 8.09 12.92 -25.26
N ILE A 209 8.63 12.43 -26.37
CA ILE A 209 9.25 11.09 -26.41
C ILE A 209 10.77 11.23 -26.43
N GLY A 210 11.42 10.63 -25.42
CA GLY A 210 12.88 10.53 -25.34
C GLY A 210 13.25 9.10 -25.70
N CYS A 211 14.02 8.91 -26.77
CA CYS A 211 14.35 7.53 -27.23
C CYS A 211 15.82 7.20 -26.95
N ASN A 212 16.06 6.21 -26.08
CA ASN A 212 17.41 5.68 -25.72
C ASN A 212 18.19 6.69 -24.88
N TYR A 213 18.01 6.58 -23.56
CA TYR A 213 18.61 7.48 -22.55
C TYR A 213 20.13 7.26 -22.51
N LEU A 214 20.89 8.35 -22.55
CA LEU A 214 22.38 8.29 -22.57
C LEU A 214 22.94 8.68 -21.21
N GLY A 215 22.11 9.17 -20.29
CA GLY A 215 22.59 9.53 -18.94
C GLY A 215 23.46 10.79 -18.95
N LYS A 216 23.53 11.48 -20.09
CA LYS A 216 24.33 12.73 -20.18
C LYS A 216 23.79 13.53 -21.34
N PRO A 217 24.02 14.86 -21.38
CA PRO A 217 23.51 15.69 -22.45
C PRO A 217 24.28 15.55 -23.76
N ARG A 218 23.61 15.03 -24.79
CA ARG A 218 24.15 14.91 -26.15
C ARG A 218 23.98 16.29 -26.80
N GLU A 219 22.93 17.03 -26.42
CA GLU A 219 22.66 18.38 -26.95
C GLU A 219 22.11 19.27 -25.83
N GLN A 220 22.59 20.52 -25.79
CA GLN A 220 22.10 21.54 -24.82
C GLN A 220 20.79 22.11 -25.37
N ILE A 221 19.69 21.90 -24.66
CA ILE A 221 18.37 22.41 -25.12
C ILE A 221 17.86 23.46 -24.14
N ASP A 222 17.45 24.61 -24.67
CA ASP A 222 16.80 25.68 -23.85
C ASP A 222 15.32 25.29 -23.86
N GLY A 223 14.81 24.79 -22.74
CA GLY A 223 13.42 24.31 -22.64
C GLY A 223 12.39 25.39 -22.91
N TYR A 224 12.65 26.63 -22.51
CA TYR A 224 11.69 27.75 -22.74
C TYR A 224 11.56 27.96 -24.26
N VAL A 225 12.68 27.96 -24.97
CA VAL A 225 12.66 28.15 -26.44
C VAL A 225 12.04 26.93 -27.11
N MET A 226 12.38 25.73 -26.65
CA MET A 226 11.86 24.51 -27.31
C MET A 226 10.33 24.42 -27.18
N HIS A 227 9.74 24.81 -26.04
CA HIS A 227 8.26 24.79 -25.96
C HIS A 227 7.67 25.80 -26.96
N ALA A 228 8.31 26.96 -27.10
CA ALA A 228 7.84 27.97 -28.09
C ALA A 228 7.94 27.35 -29.49
N ASN A 229 8.99 26.58 -29.76
CA ASN A 229 9.16 25.92 -31.09
C ASN A 229 8.02 24.91 -31.30
N TYR A 230 7.69 24.16 -30.25
CA TYR A 230 6.59 23.18 -30.30
C TYR A 230 5.26 23.89 -30.62
N ILE A 231 4.97 24.98 -29.90
N ILE A 231 4.96 24.97 -29.92
CA ILE A 231 3.71 25.73 -30.13
CA ILE A 231 3.67 25.70 -30.16
C ILE A 231 3.69 26.28 -31.57
C ILE A 231 3.67 26.31 -31.56
N PHE A 232 4.82 26.81 -32.04
CA PHE A 232 4.90 27.35 -33.43
C PHE A 232 4.54 26.23 -34.42
N TRP A 233 5.10 25.04 -34.22
CA TRP A 233 4.74 23.87 -35.07
C TRP A 233 3.20 23.63 -35.03
N ARG A 234 2.63 23.54 -33.84
CA ARG A 234 1.16 23.27 -33.72
C ARG A 234 0.36 24.41 -34.37
N ASN A 235 0.81 25.65 -34.24
CA ASN A 235 0.09 26.82 -34.81
C ASN A 235 0.19 26.88 -36.34
N THR A 236 1.22 26.29 -36.93
CA THR A 236 1.44 26.48 -38.40
C THR A 236 1.18 25.21 -39.23
N ASN A 237 1.23 24.03 -38.60
N ASN A 237 1.21 24.03 -38.63
CA ASN A 237 0.95 22.73 -39.26
CA ASN A 237 0.93 22.81 -39.41
C ASN A 237 -0.34 22.17 -38.72
C ASN A 237 -0.30 22.14 -38.81
N PRO A 238 -1.52 22.47 -39.32
CA PRO A 238 -2.76 21.89 -38.82
C PRO A 238 -2.72 20.37 -38.97
N ILE A 239 -3.21 19.68 -37.97
CA ILE A 239 -3.27 18.19 -38.03
C ILE A 239 -4.76 17.83 -38.09
N GLN A 240 -5.13 17.11 -39.13
CA GLN A 240 -6.52 16.66 -39.36
C GLN A 240 -6.86 15.57 -38.34
N LEU A 241 -7.97 15.73 -37.61
CA LEU A 241 -8.44 14.67 -36.67
C LEU A 241 -8.62 13.38 -37.46
N SER A 242 -8.13 12.27 -36.94
CA SER A 242 -8.28 10.97 -37.63
C SER A 242 -8.19 9.81 -36.65
N SER A 243 -9.09 8.85 -36.84
CA SER A 243 -9.15 7.59 -36.06
C SER A 243 -8.82 6.42 -37.00
N TYR A 244 -8.42 6.72 -38.24
N TYR A 244 -8.43 6.71 -38.25
CA TYR A 244 -8.14 5.69 -39.27
CA TYR A 244 -8.20 5.63 -39.25
C TYR A 244 -7.24 4.58 -38.74
C TYR A 244 -7.22 4.55 -38.76
N SER A 245 -6.11 4.93 -38.11
CA SER A 245 -5.11 3.91 -37.67
C SER A 245 -5.68 2.94 -36.62
N LEU A 246 -6.76 3.29 -35.95
CA LEU A 246 -7.31 2.42 -34.88
C LEU A 246 -7.96 1.17 -35.47
N PHE A 247 -8.33 1.21 -36.75
CA PHE A 247 -9.12 0.10 -37.36
C PHE A 247 -8.22 -1.06 -37.81
N ASP A 248 -6.90 -0.89 -37.89
CA ASP A 248 -6.04 -2.04 -38.30
C ASP A 248 -5.06 -2.32 -37.16
N MET A 249 -5.36 -3.33 -36.36
CA MET A 249 -4.54 -3.68 -35.18
C MET A 249 -3.64 -4.89 -35.47
N SER A 250 -3.48 -5.28 -36.74
CA SER A 250 -2.69 -6.50 -37.08
C SER A 250 -1.21 -6.37 -36.69
N LYS A 251 -0.60 -5.19 -36.75
CA LYS A 251 0.85 -5.11 -36.40
C LYS A 251 1.02 -4.34 -35.09
N PHE A 252 0.03 -4.40 -34.20
CA PHE A 252 0.07 -3.60 -32.94
C PHE A 252 1.12 -4.05 -31.94
N PRO A 253 1.25 -5.35 -31.58
CA PRO A 253 2.15 -5.75 -30.50
C PRO A 253 3.60 -5.28 -30.65
N LEU A 254 4.17 -4.79 -29.55
CA LEU A 254 5.61 -4.40 -29.56
C LEU A 254 6.41 -5.66 -29.84
N LYS A 255 7.31 -5.62 -30.82
CA LYS A 255 8.10 -6.85 -31.14
C LYS A 255 9.12 -7.09 -30.04
N LEU A 256 9.15 -8.32 -29.50
CA LEU A 256 10.10 -8.66 -28.41
C LEU A 256 11.49 -8.84 -29.02
N ARG A 257 12.35 -7.84 -28.87
CA ARG A 257 13.71 -7.85 -29.45
C ARG A 257 14.69 -8.65 -28.60
N GLY A 258 14.38 -8.88 -27.33
CA GLY A 258 15.33 -9.60 -26.45
C GLY A 258 16.59 -8.78 -26.27
N THR A 259 16.43 -7.45 -26.17
CA THR A 259 17.58 -6.52 -26.02
C THR A 259 18.44 -6.91 -24.81
N ALA A 260 19.75 -6.93 -25.01
CA ALA A 260 20.72 -7.29 -23.95
C ALA A 260 20.65 -6.28 -22.79
N VAL A 261 20.75 -6.80 -21.58
CA VAL A 261 20.77 -5.98 -20.32
C VAL A 261 22.08 -6.30 -19.61
N MET A 262 22.87 -5.28 -19.28
CA MET A 262 24.11 -5.57 -18.51
C MET A 262 24.34 -4.42 -17.51
N SER A 263 25.08 -4.70 -16.45
CA SER A 263 25.32 -3.68 -15.40
C SER A 263 26.75 -3.17 -15.52
N LEU A 264 26.94 -2.08 -16.26
CA LEU A 264 28.29 -1.47 -16.43
C LEU A 264 28.43 -0.30 -15.47
N LYS A 265 29.67 -0.01 -15.04
CA LYS A 265 29.96 1.12 -14.13
C LYS A 265 29.84 2.42 -14.93
N GLU A 266 29.76 3.56 -14.25
CA GLU A 266 29.67 4.88 -14.93
C GLU A 266 30.96 5.14 -15.72
N GLY A 267 32.09 4.64 -15.22
CA GLY A 267 33.41 4.82 -15.87
C GLY A 267 33.63 3.87 -17.04
N GLN A 268 32.69 2.94 -17.29
CA GLN A 268 32.83 1.97 -18.41
C GLN A 268 31.96 2.42 -19.59
N ILE A 269 31.23 3.52 -19.45
CA ILE A 269 30.34 4.02 -20.56
C ILE A 269 31.20 4.74 -21.59
N ASN A 270 31.71 3.99 -22.59
CA ASN A 270 32.58 4.56 -23.66
C ASN A 270 31.72 4.89 -24.89
N ASP A 271 32.36 5.22 -26.02
CA ASP A 271 31.66 5.60 -27.28
C ASP A 271 30.97 4.38 -27.91
N MET A 272 31.59 3.20 -27.83
CA MET A 272 30.94 1.98 -28.41
C MET A 272 29.64 1.71 -27.67
N ILE A 273 29.66 1.82 -26.33
CA ILE A 273 28.45 1.59 -25.48
C ILE A 273 27.39 2.63 -25.86
N LEU A 274 27.77 3.93 -25.87
CA LEU A 274 26.81 5.00 -26.24
C LEU A 274 26.20 4.68 -27.61
N SER A 275 27.03 4.18 -28.54
CA SER A 275 26.53 3.85 -29.90
C SER A 275 25.49 2.72 -29.81
N LEU A 276 25.74 1.69 -29.00
CA LEU A 276 24.76 0.58 -28.87
C LEU A 276 23.49 1.10 -28.20
N LEU A 277 23.64 1.91 -27.16
CA LEU A 277 22.46 2.51 -26.47
C LEU A 277 21.61 3.29 -27.48
N SER A 278 22.27 4.10 -28.31
CA SER A 278 21.60 4.98 -29.31
C SER A 278 20.85 4.19 -30.37
N LYS A 279 21.21 2.92 -30.59
CA LYS A 279 20.55 2.08 -31.63
C LYS A 279 19.43 1.25 -31.01
N GLY A 280 19.21 1.34 -29.71
CA GLY A 280 18.17 0.53 -29.05
C GLY A 280 18.61 -0.92 -28.89
N ARG A 281 19.93 -1.16 -28.91
CA ARG A 281 20.48 -2.55 -28.81
C ARG A 281 21.09 -2.80 -27.43
N LEU A 282 20.87 -1.94 -26.44
CA LEU A 282 21.47 -2.22 -25.12
C LEU A 282 20.71 -1.49 -24.01
N ILE A 283 20.54 -2.17 -22.89
CA ILE A 283 19.95 -1.58 -21.65
C ILE A 283 21.00 -1.74 -20.55
N ILE A 284 21.28 -0.66 -19.82
CA ILE A 284 22.27 -0.72 -18.71
C ILE A 284 21.53 -0.48 -17.40
N ARG A 285 21.50 -1.52 -16.58
CA ARG A 285 20.90 -1.50 -15.22
C ARG A 285 21.13 -2.86 -14.59
N GLU A 286 21.05 -2.92 -13.26
CA GLU A 286 21.15 -4.24 -12.60
C GLU A 286 19.80 -4.92 -12.85
N ASN A 287 19.71 -6.22 -12.57
CA ASN A 287 18.42 -6.93 -12.77
C ASN A 287 18.02 -7.55 -11.43
N ASN A 288 17.99 -6.71 -10.39
CA ASN A 288 17.59 -7.10 -9.02
C ASN A 288 16.07 -7.19 -8.95
N ARG A 289 15.54 -7.68 -7.83
CA ARG A 289 14.07 -7.81 -7.61
C ARG A 289 13.45 -6.41 -7.69
N VAL A 290 12.41 -6.24 -8.50
CA VAL A 290 11.71 -4.93 -8.65
C VAL A 290 10.93 -4.65 -7.36
N VAL A 291 11.30 -3.57 -6.66
CA VAL A 291 10.66 -3.18 -5.37
C VAL A 291 10.20 -1.72 -5.46
N ILE A 292 8.93 -1.49 -5.15
CA ILE A 292 8.32 -0.13 -5.24
C ILE A 292 7.59 0.16 -3.92
N SER A 293 7.38 1.43 -3.63
CA SER A 293 6.62 1.80 -2.42
C SER A 293 5.97 3.17 -2.64
N SER A 294 4.91 3.42 -1.88
CA SER A 294 4.15 4.68 -1.88
C SER A 294 4.21 5.25 -0.44
N ASP A 295 4.87 6.39 -0.26
CA ASP A 295 4.97 7.02 1.09
C ASP A 295 3.58 7.36 1.61
N VAL A 296 3.38 7.11 2.91
N VAL A 296 3.32 7.09 2.89
CA VAL A 296 2.10 7.40 3.60
CA VAL A 296 2.00 7.47 3.47
C VAL A 296 2.37 8.46 4.67
C VAL A 296 2.25 8.39 4.66
N LEU A 297 1.68 9.60 4.61
CA LEU A 297 1.82 10.64 5.65
C LEU A 297 1.06 10.16 6.88
N VAL A 298 1.74 10.06 8.02
CA VAL A 298 1.08 9.59 9.27
C VAL A 298 0.64 10.82 10.07
N ASN A 299 -0.65 10.88 10.41
CA ASN A 299 -1.15 12.01 11.25
C ASN A 299 -2.35 11.49 12.05
N ASN A 300 -2.42 11.91 13.31
CA ASN A 300 -3.54 11.53 14.23
C ASN A 300 -4.37 12.79 14.48
N ALA B 20 -20.70 -16.63 11.03
CA ALA B 20 -20.40 -17.05 9.62
C ALA B 20 -20.91 -15.99 8.64
N PHE B 21 -21.02 -14.71 9.06
CA PHE B 21 -21.52 -13.66 8.14
C PHE B 21 -20.48 -13.40 7.05
N ALA B 22 -20.96 -13.12 5.84
CA ALA B 22 -20.12 -12.83 4.66
C ALA B 22 -20.97 -12.11 3.62
N VAL B 23 -20.51 -10.96 3.15
CA VAL B 23 -21.24 -10.17 2.12
C VAL B 23 -21.34 -11.04 0.85
N ASP B 24 -22.52 -11.11 0.22
CA ASP B 24 -22.66 -11.90 -1.03
C ASP B 24 -22.85 -10.90 -2.18
N ALA B 25 -21.74 -10.30 -2.63
CA ALA B 25 -21.78 -9.27 -3.71
C ALA B 25 -22.37 -9.87 -4.99
N ALA B 26 -21.97 -11.09 -5.35
CA ALA B 26 -22.47 -11.75 -6.58
C ALA B 26 -23.99 -11.76 -6.60
N LYS B 27 -24.62 -12.34 -5.58
CA LYS B 27 -26.10 -12.43 -5.48
C LYS B 27 -26.70 -11.01 -5.49
N ALA B 28 -26.08 -10.08 -4.77
CA ALA B 28 -26.59 -8.68 -4.70
C ALA B 28 -26.59 -8.05 -6.11
N TYR B 29 -25.53 -8.25 -6.90
CA TYR B 29 -25.50 -7.66 -8.26
C TYR B 29 -26.56 -8.35 -9.13
N LYS B 30 -26.65 -9.68 -9.08
CA LYS B 30 -27.66 -10.42 -9.88
C LYS B 30 -29.08 -9.95 -9.52
N ASP B 31 -29.38 -9.81 -8.23
CA ASP B 31 -30.73 -9.34 -7.80
C ASP B 31 -30.95 -7.91 -8.32
N TYR B 32 -29.93 -7.06 -8.18
CA TYR B 32 -29.99 -5.65 -8.66
C TYR B 32 -30.33 -5.63 -10.17
N LEU B 33 -29.69 -6.51 -10.95
CA LEU B 33 -29.95 -6.58 -12.42
C LEU B 33 -31.40 -7.06 -12.66
N ALA B 34 -31.85 -8.07 -11.92
CA ALA B 34 -33.23 -8.62 -12.10
C ALA B 34 -34.28 -7.57 -11.74
N SER B 35 -33.96 -6.66 -10.81
CA SER B 35 -34.90 -5.58 -10.39
C SER B 35 -34.93 -4.44 -11.41
N GLY B 36 -34.01 -4.44 -12.40
CA GLY B 36 -33.96 -3.43 -13.48
C GLY B 36 -32.80 -2.45 -13.31
N GLY B 37 -31.86 -2.76 -12.41
CA GLY B 37 -30.70 -1.88 -12.16
C GLY B 37 -29.81 -1.74 -13.40
N GLN B 38 -29.22 -0.56 -13.59
CA GLN B 38 -28.33 -0.32 -14.76
C GLN B 38 -27.02 -1.07 -14.53
N PRO B 39 -26.54 -1.87 -15.51
CA PRO B 39 -25.28 -2.59 -15.35
C PRO B 39 -24.07 -1.68 -15.07
N ILE B 40 -23.06 -2.23 -14.39
CA ILE B 40 -21.79 -1.48 -14.13
C ILE B 40 -21.25 -1.06 -15.50
N THR B 41 -20.83 0.21 -15.62
CA THR B 41 -20.34 0.78 -16.90
C THR B 41 -18.84 1.06 -16.83
N ASN B 42 -18.30 1.65 -17.90
CA ASN B 42 -16.87 2.05 -17.98
C ASN B 42 -15.94 0.82 -18.00
N CYS B 43 -16.46 -0.34 -18.41
CA CYS B 43 -15.54 -1.49 -18.60
C CYS B 43 -14.62 -1.07 -19.76
N VAL B 44 -13.34 -1.40 -19.70
CA VAL B 44 -12.38 -0.88 -20.73
C VAL B 44 -12.38 -1.78 -21.96
N LYS B 45 -13.02 -1.33 -23.03
CA LYS B 45 -13.04 -2.13 -24.28
C LYS B 45 -11.76 -1.85 -25.07
N MET B 46 -11.13 -2.93 -25.58
CA MET B 46 -9.86 -2.80 -26.32
C MET B 46 -10.09 -2.81 -27.83
N LEU B 47 -9.18 -2.16 -28.56
CA LEU B 47 -9.15 -2.27 -30.04
C LEU B 47 -8.41 -3.58 -30.35
N CYS B 48 -8.93 -4.37 -31.29
CA CYS B 48 -8.28 -5.64 -31.67
C CYS B 48 -8.75 -6.04 -33.06
N THR B 49 -8.12 -7.06 -33.67
CA THR B 49 -8.47 -7.51 -35.05
C THR B 49 -9.79 -8.27 -35.09
N HIS B 50 -10.23 -8.83 -33.97
CA HIS B 50 -11.46 -9.68 -33.95
C HIS B 50 -11.23 -10.93 -34.81
N THR B 51 -9.97 -11.36 -34.91
CA THR B 51 -9.61 -12.61 -35.63
C THR B 51 -8.87 -13.51 -34.63
N GLY B 52 -9.19 -13.37 -33.34
CA GLY B 52 -8.53 -14.13 -32.26
C GLY B 52 -9.11 -15.52 -32.05
N THR B 53 -8.57 -16.24 -31.06
CA THR B 53 -8.97 -17.63 -30.72
C THR B 53 -10.39 -17.69 -30.15
N GLY B 54 -10.87 -16.61 -29.56
CA GLY B 54 -12.21 -16.62 -28.95
C GLY B 54 -12.22 -17.22 -27.55
N GLN B 55 -11.04 -17.58 -27.02
CA GLN B 55 -10.99 -18.11 -25.63
C GLN B 55 -11.49 -17.02 -24.66
N ALA B 56 -11.96 -17.44 -23.48
CA ALA B 56 -12.61 -16.57 -22.49
C ALA B 56 -11.66 -15.54 -21.86
N ILE B 57 -10.57 -16.00 -21.25
CA ILE B 57 -9.64 -15.08 -20.52
C ILE B 57 -8.22 -15.33 -21.02
N THR B 58 -7.62 -14.31 -21.64
CA THR B 58 -6.30 -14.47 -22.30
C THR B 58 -5.30 -13.38 -21.89
N VAL B 59 -4.02 -13.61 -22.21
CA VAL B 59 -2.92 -12.68 -21.83
C VAL B 59 -2.96 -11.43 -22.72
N THR B 60 -3.67 -11.52 -23.83
CA THR B 60 -3.80 -10.41 -24.81
C THR B 60 -5.18 -10.55 -25.44
N PRO B 61 -5.77 -9.48 -26.03
CA PRO B 61 -7.09 -9.59 -26.67
C PRO B 61 -7.16 -10.72 -27.71
N GLU B 62 -8.17 -11.59 -27.55
CA GLU B 62 -8.37 -12.76 -28.45
C GLU B 62 -9.82 -12.79 -28.96
N ALA B 63 -10.49 -11.64 -28.98
CA ALA B 63 -11.88 -11.62 -29.49
C ALA B 63 -11.96 -12.18 -30.91
N ASN B 64 -13.02 -12.93 -31.17
CA ASN B 64 -13.30 -13.43 -32.54
C ASN B 64 -14.31 -12.45 -33.13
N MET B 65 -14.91 -12.76 -34.28
CA MET B 65 -15.84 -11.80 -34.92
C MET B 65 -17.13 -11.62 -34.11
N ASP B 66 -17.41 -12.50 -33.15
CA ASP B 66 -18.66 -12.45 -32.35
C ASP B 66 -18.37 -12.01 -30.91
N GLN B 67 -17.20 -11.44 -30.65
CA GLN B 67 -16.85 -11.05 -29.26
C GLN B 67 -16.20 -9.68 -29.21
N GLU B 68 -16.18 -9.10 -28.01
CA GLU B 68 -15.48 -7.84 -27.68
C GLU B 68 -14.45 -8.20 -26.61
N SER B 69 -13.26 -7.62 -26.68
CA SER B 69 -12.19 -7.87 -25.68
C SER B 69 -12.14 -6.67 -24.74
N PHE B 70 -12.08 -6.94 -23.44
CA PHE B 70 -12.04 -5.89 -22.40
C PHE B 70 -10.89 -6.14 -21.42
N GLY B 71 -10.34 -5.04 -20.88
CA GLY B 71 -9.36 -5.18 -19.79
C GLY B 71 -10.05 -5.95 -18.67
N GLY B 72 -9.41 -7.00 -18.16
CA GLY B 72 -10.03 -7.90 -17.17
C GLY B 72 -10.45 -7.23 -15.86
N ALA B 73 -9.54 -6.48 -15.24
CA ALA B 73 -9.84 -5.84 -13.94
C ALA B 73 -11.14 -5.02 -14.01
N SER B 74 -11.38 -4.35 -15.13
CA SER B 74 -12.57 -3.46 -15.24
C SER B 74 -13.86 -4.27 -15.39
N CYS B 75 -13.78 -5.59 -15.60
CA CYS B 75 -14.98 -6.45 -15.80
C CYS B 75 -15.19 -7.38 -14.59
N CYS B 76 -14.43 -7.17 -13.52
CA CYS B 76 -14.51 -8.02 -12.30
C CYS B 76 -15.35 -7.30 -11.24
N LEU B 77 -16.44 -7.92 -10.80
CA LEU B 77 -17.31 -7.30 -9.75
C LEU B 77 -16.48 -6.90 -8.53
N TYR B 78 -15.64 -7.84 -8.07
CA TYR B 78 -14.82 -7.69 -6.85
C TYR B 78 -13.83 -6.54 -7.04
N CYS B 79 -13.14 -6.51 -8.17
CA CYS B 79 -12.20 -5.38 -8.45
C CYS B 79 -12.96 -4.05 -8.47
N ARG B 80 -14.06 -3.97 -9.22
CA ARG B 80 -14.83 -2.71 -9.38
C ARG B 80 -15.52 -2.28 -8.08
N CYS B 81 -16.05 -3.21 -7.29
CA CYS B 81 -16.74 -2.81 -6.02
C CYS B 81 -15.76 -2.68 -4.85
N HIS B 82 -14.46 -2.93 -5.08
CA HIS B 82 -13.43 -2.87 -4.02
C HIS B 82 -13.84 -3.84 -2.90
N ILE B 83 -14.11 -5.09 -3.27
CA ILE B 83 -14.52 -6.18 -2.33
C ILE B 83 -13.49 -7.31 -2.44
N ASP B 84 -13.35 -8.13 -1.41
CA ASP B 84 -12.39 -9.27 -1.45
C ASP B 84 -12.88 -10.28 -2.48
N HIS B 85 -11.94 -10.97 -3.15
CA HIS B 85 -12.32 -12.02 -4.13
C HIS B 85 -12.77 -13.25 -3.34
N PRO B 86 -13.89 -13.91 -3.72
CA PRO B 86 -14.40 -15.05 -2.95
C PRO B 86 -13.62 -16.36 -3.07
N ASN B 87 -12.39 -16.36 -2.54
CA ASN B 87 -11.53 -17.58 -2.52
C ASN B 87 -10.44 -17.34 -1.47
N PRO B 88 -9.93 -18.40 -0.80
CA PRO B 88 -8.92 -18.25 0.26
C PRO B 88 -7.76 -17.29 -0.06
N LYS B 89 -7.11 -17.46 -1.23
CA LYS B 89 -5.95 -16.61 -1.61
C LYS B 89 -6.40 -15.23 -2.11
N GLY B 90 -7.71 -14.99 -2.22
CA GLY B 90 -8.20 -13.68 -2.71
C GLY B 90 -7.58 -13.35 -4.07
N PHE B 91 -7.48 -14.36 -4.93
CA PHE B 91 -6.88 -14.25 -6.28
C PHE B 91 -7.95 -13.83 -7.30
N CYS B 92 -7.56 -12.99 -8.26
CA CYS B 92 -8.49 -12.54 -9.35
C CYS B 92 -8.14 -13.26 -10.65
N ASP B 93 -9.14 -13.87 -11.29
CA ASP B 93 -8.90 -14.60 -12.57
C ASP B 93 -8.93 -13.62 -13.76
N LEU B 94 -9.33 -12.36 -13.54
CA LEU B 94 -9.47 -11.39 -14.67
C LEU B 94 -8.36 -10.32 -14.67
N LYS B 95 -7.99 -9.80 -13.50
CA LYS B 95 -6.99 -8.72 -13.40
C LYS B 95 -5.70 -9.07 -14.15
N GLY B 96 -5.23 -8.17 -15.01
CA GLY B 96 -3.96 -8.36 -15.75
C GLY B 96 -4.14 -9.17 -17.02
N LYS B 97 -5.38 -9.58 -17.31
CA LYS B 97 -5.70 -10.37 -18.51
C LYS B 97 -6.82 -9.66 -19.30
N TYR B 98 -7.23 -10.26 -20.41
CA TYR B 98 -8.29 -9.72 -21.29
C TYR B 98 -9.43 -10.74 -21.31
N VAL B 99 -10.65 -10.25 -21.13
CA VAL B 99 -11.84 -11.14 -21.14
C VAL B 99 -12.61 -10.90 -22.44
N GLN B 100 -12.92 -12.00 -23.13
CA GLN B 100 -13.73 -11.96 -24.37
C GLN B 100 -15.19 -12.09 -23.95
N ILE B 101 -16.02 -11.13 -24.36
CA ILE B 101 -17.46 -11.14 -24.00
C ILE B 101 -18.26 -11.22 -25.29
N PRO B 102 -19.23 -12.14 -25.42
CA PRO B 102 -20.07 -12.19 -26.62
C PRO B 102 -20.64 -10.77 -26.83
N THR B 103 -20.65 -10.31 -28.09
N THR B 103 -20.66 -10.32 -28.09
CA THR B 103 -21.15 -8.95 -28.41
CA THR B 103 -21.14 -8.96 -28.43
C THR B 103 -22.56 -8.73 -27.86
C THR B 103 -22.56 -8.73 -27.89
N THR B 104 -23.40 -9.77 -27.87
CA THR B 104 -24.80 -9.65 -27.37
C THR B 104 -24.82 -9.40 -25.85
N CYS B 105 -23.69 -9.61 -25.16
CA CYS B 105 -23.62 -9.44 -23.69
C CYS B 105 -22.61 -8.35 -23.29
N ALA B 106 -22.00 -7.69 -24.29
CA ALA B 106 -20.95 -6.67 -24.04
C ALA B 106 -21.51 -5.45 -23.30
N ASN B 107 -22.83 -5.34 -23.18
CA ASN B 107 -23.43 -4.20 -22.45
C ASN B 107 -23.29 -4.42 -20.94
N ASP B 108 -22.96 -5.64 -20.52
CA ASP B 108 -22.80 -5.93 -19.06
C ASP B 108 -21.69 -6.97 -18.88
N PRO B 109 -20.41 -6.62 -19.15
CA PRO B 109 -19.31 -7.56 -18.99
C PRO B 109 -19.19 -8.12 -17.57
N VAL B 110 -19.42 -7.26 -16.55
CA VAL B 110 -19.31 -7.71 -15.13
C VAL B 110 -20.36 -8.81 -14.88
N GLY B 111 -21.60 -8.57 -15.31
CA GLY B 111 -22.65 -9.60 -15.12
C GLY B 111 -22.31 -10.87 -15.88
N PHE B 112 -21.73 -10.73 -17.08
CA PHE B 112 -21.40 -11.94 -17.89
C PHE B 112 -20.33 -12.78 -17.18
N THR B 113 -19.24 -12.16 -16.71
CA THR B 113 -18.15 -12.91 -16.04
C THR B 113 -18.69 -13.58 -14.76
N LEU B 114 -19.54 -12.89 -14.00
CA LEU B 114 -20.12 -13.46 -12.76
C LEU B 114 -20.97 -14.70 -13.05
N LYS B 115 -21.90 -14.58 -13.99
CA LYS B 115 -22.90 -15.63 -14.33
C LYS B 115 -22.32 -16.77 -15.17
N ASN B 116 -21.11 -16.64 -15.70
CA ASN B 116 -20.63 -17.70 -16.63
C ASN B 116 -19.38 -18.39 -16.09
N THR B 117 -19.05 -19.54 -16.69
CA THR B 117 -17.89 -20.38 -16.27
C THR B 117 -17.01 -20.72 -17.48
N VAL B 118 -15.69 -20.62 -17.30
CA VAL B 118 -14.71 -20.97 -18.36
C VAL B 118 -14.51 -22.48 -18.31
N CYS B 119 -14.56 -23.13 -19.48
CA CYS B 119 -14.29 -24.59 -19.55
C CYS B 119 -12.82 -24.82 -19.22
N THR B 120 -12.54 -25.65 -18.21
CA THR B 120 -11.16 -25.96 -17.77
C THR B 120 -10.40 -26.74 -18.85
N VAL B 121 -11.11 -27.30 -19.84
CA VAL B 121 -10.45 -28.13 -20.89
C VAL B 121 -10.06 -27.28 -22.10
N CYS B 122 -11.02 -26.60 -22.76
CA CYS B 122 -10.70 -25.84 -24.00
C CYS B 122 -10.48 -24.34 -23.72
N GLY B 123 -10.85 -23.84 -22.54
CA GLY B 123 -10.66 -22.41 -22.21
C GLY B 123 -11.72 -21.51 -22.82
N MET B 124 -12.78 -22.10 -23.39
CA MET B 124 -13.89 -21.31 -23.99
C MET B 124 -14.98 -21.17 -22.93
N TRP B 125 -15.84 -20.15 -23.07
CA TRP B 125 -16.98 -20.01 -22.12
C TRP B 125 -17.94 -21.19 -22.32
N LYS B 126 -18.47 -21.74 -21.23
CA LYS B 126 -19.49 -22.81 -21.33
C LYS B 126 -20.75 -22.15 -21.88
N GLY B 127 -21.33 -22.70 -22.95
CA GLY B 127 -22.56 -22.14 -23.55
C GLY B 127 -22.25 -21.01 -24.53
N TYR B 128 -20.97 -20.64 -24.69
CA TYR B 128 -20.59 -19.56 -25.64
C TYR B 128 -19.22 -19.83 -26.27
N GLY B 129 -19.02 -21.04 -26.80
CA GLY B 129 -17.74 -21.38 -27.46
C GLY B 129 -17.31 -22.82 -27.20
N CYS B 130 -17.42 -23.28 -25.95
CA CYS B 130 -17.00 -24.66 -25.57
C CYS B 130 -17.85 -25.69 -26.33
N SER B 131 -17.17 -26.55 -27.09
CA SER B 131 -17.84 -27.63 -27.86
C SER B 131 -17.30 -28.99 -27.38
N CYS B 132 -16.83 -29.05 -26.12
CA CYS B 132 -16.29 -30.30 -25.53
C CYS B 132 -17.36 -31.39 -25.45
N ASP B 133 -18.63 -31.00 -25.39
CA ASP B 133 -19.74 -31.99 -25.24
C ASP B 133 -20.41 -32.32 -26.57
N GLN B 134 -19.92 -31.79 -27.71
CA GLN B 134 -20.61 -32.11 -29.01
C GLN B 134 -20.27 -33.54 -29.44
N LEU B 135 -21.04 -34.08 -30.39
CA LEU B 135 -20.91 -35.48 -30.89
C LEU B 135 -19.53 -35.76 -31.52
N ARG B 136 -19.13 -34.97 -32.54
CA ARG B 136 -17.84 -35.23 -33.25
C ARG B 136 -17.88 -36.65 -33.82
N GLU B 137 -19.05 -37.09 -34.30
CA GLU B 137 -19.23 -38.48 -34.78
C GLU B 137 -18.56 -38.67 -36.15
N PRO B 138 -18.96 -37.93 -37.22
CA PRO B 138 -18.31 -38.07 -38.53
C PRO B 138 -16.92 -37.41 -38.53
N MET B 139 -15.89 -38.18 -38.85
CA MET B 139 -14.48 -37.69 -38.85
C MET B 139 -14.17 -37.12 -40.24
N LEU B 140 -13.18 -36.22 -40.30
CA LEU B 140 -12.79 -35.57 -41.58
C LEU B 140 -11.40 -36.03 -42.01
N GLN B 141 -11.22 -36.21 -43.32
CA GLN B 141 -9.93 -36.68 -43.90
C GLN B 141 -8.87 -35.61 -43.71
N SER C 3 2.31 -14.67 47.81
CA SER C 3 3.12 -14.02 46.72
C SER C 3 2.68 -12.56 46.56
N SER C 4 3.56 -11.62 46.96
CA SER C 4 3.29 -10.16 46.86
C SER C 4 3.36 -9.69 45.39
N GLN C 5 4.04 -10.48 44.55
CA GLN C 5 4.17 -10.16 43.11
C GLN C 5 2.79 -10.26 42.42
N ALA C 6 1.84 -10.99 43.01
CA ALA C 6 0.52 -11.22 42.36
C ALA C 6 -0.27 -9.92 42.19
N TRP C 7 -0.05 -8.91 43.04
CA TRP C 7 -0.80 -7.63 42.96
C TRP C 7 -0.27 -6.79 41.79
N GLN C 8 1.01 -6.96 41.45
CA GLN C 8 1.72 -6.21 40.37
C GLN C 8 1.22 -6.62 38.99
N PRO C 9 1.51 -5.83 37.94
CA PRO C 9 1.13 -6.20 36.57
C PRO C 9 1.99 -7.36 36.06
N GLY C 10 3.14 -7.58 36.70
CA GLY C 10 4.05 -8.64 36.26
C GLY C 10 5.31 -8.62 37.09
N VAL C 11 6.34 -9.27 36.59
CA VAL C 11 7.63 -9.37 37.34
C VAL C 11 8.77 -9.09 36.38
N ALA C 12 9.71 -8.27 36.83
CA ALA C 12 10.90 -7.93 36.02
C ALA C 12 12.10 -8.75 36.50
N MET C 13 12.93 -9.15 35.57
CA MET C 13 14.16 -9.93 35.87
C MET C 13 15.04 -9.12 36.82
N PRO C 14 15.34 -9.61 38.05
CA PRO C 14 16.18 -8.86 38.99
C PRO C 14 17.61 -8.63 38.49
N ASN C 15 18.22 -7.53 38.94
CA ASN C 15 19.59 -7.14 38.50
C ASN C 15 20.60 -8.28 38.74
N LEU C 16 20.53 -8.98 39.87
CA LEU C 16 21.55 -10.04 40.12
C LEU C 16 21.46 -11.14 39.04
N TYR C 17 20.25 -11.45 38.57
CA TYR C 17 20.10 -12.50 37.53
C TYR C 17 20.75 -12.05 36.22
N LYS C 18 20.70 -10.75 35.92
CA LYS C 18 21.33 -10.23 34.67
C LYS C 18 22.86 -10.34 34.74
N MET C 19 23.42 -10.49 35.95
CA MET C 19 24.90 -10.46 36.11
C MET C 19 25.49 -11.87 36.17
N GLN C 20 24.70 -12.90 35.89
CA GLN C 20 25.18 -14.30 35.95
C GLN C 20 25.85 -14.67 34.62
N ARG C 21 26.48 -15.84 34.57
CA ARG C 21 27.08 -16.33 33.30
C ARG C 21 26.56 -17.75 33.11
N MET C 22 25.24 -17.89 32.97
CA MET C 22 24.63 -19.24 32.85
C MET C 22 24.78 -19.78 31.43
N LEU C 23 24.76 -21.12 31.32
CA LEU C 23 24.75 -21.83 30.02
C LEU C 23 23.28 -22.04 29.67
N LEU C 24 22.94 -22.05 28.38
CA LEU C 24 21.51 -22.16 27.98
C LEU C 24 20.94 -23.54 28.34
N GLU C 25 19.86 -23.55 29.11
CA GLU C 25 19.14 -24.80 29.46
C GLU C 25 17.72 -24.72 28.92
N LYS C 26 17.05 -25.87 28.87
CA LYS C 26 15.66 -25.94 28.42
C LYS C 26 14.79 -25.18 29.43
N CYS C 27 13.81 -24.43 28.95
CA CYS C 27 12.89 -23.72 29.89
C CYS C 27 11.86 -24.74 30.39
N ASP C 28 11.74 -24.89 31.71
CA ASP C 28 10.79 -25.85 32.32
C ASP C 28 10.04 -25.09 33.42
N LEU C 29 8.87 -24.54 33.07
CA LEU C 29 8.12 -23.71 34.05
C LEU C 29 7.23 -24.57 34.94
N GLN C 30 7.40 -24.41 36.25
CA GLN C 30 6.61 -25.13 37.27
C GLN C 30 5.11 -24.84 37.05
N ASN C 31 4.76 -23.60 36.71
CA ASN C 31 3.34 -23.18 36.53
C ASN C 31 2.96 -23.20 35.05
N TYR C 32 3.50 -24.13 34.29
CA TYR C 32 3.26 -24.23 32.81
C TYR C 32 1.78 -24.47 32.48
N GLY C 33 1.00 -25.09 33.36
CA GLY C 33 -0.41 -25.38 33.05
C GLY C 33 -1.39 -24.41 33.70
N ASP C 34 -0.90 -23.44 34.46
CA ASP C 34 -1.81 -22.49 35.17
C ASP C 34 -2.35 -21.42 34.21
N SER C 35 -3.41 -20.73 34.64
N SER C 35 -3.40 -20.73 34.64
CA SER C 35 -4.05 -19.64 33.87
CA SER C 35 -4.06 -19.64 33.87
C SER C 35 -4.64 -18.61 34.85
C SER C 35 -4.65 -18.62 34.84
N ALA C 36 -4.54 -17.33 34.51
CA ALA C 36 -5.06 -16.25 35.38
C ALA C 36 -6.59 -16.20 35.31
N THR C 37 -7.20 -15.48 36.26
CA THR C 37 -8.67 -15.28 36.29
C THR C 37 -8.96 -14.00 35.50
N LEU C 38 -9.14 -14.11 34.17
CA LEU C 38 -9.38 -12.88 33.37
C LEU C 38 -10.76 -12.29 33.66
N PRO C 39 -10.90 -10.95 33.74
CA PRO C 39 -12.22 -10.34 33.91
C PRO C 39 -13.14 -10.83 32.78
N LYS C 40 -14.43 -10.97 33.11
CA LYS C 40 -15.46 -11.47 32.16
C LYS C 40 -15.38 -10.75 30.81
N GLY C 41 -15.28 -11.53 29.73
CA GLY C 41 -15.26 -11.01 28.34
C GLY C 41 -13.94 -10.39 27.93
N ILE C 42 -12.95 -10.31 28.82
CA ILE C 42 -11.63 -9.72 28.44
C ILE C 42 -10.74 -10.83 27.86
N MET C 43 -10.10 -10.56 26.73
N MET C 43 -10.09 -10.54 26.72
CA MET C 43 -9.25 -11.61 26.12
CA MET C 43 -9.22 -11.49 25.97
C MET C 43 -7.78 -11.39 26.51
C MET C 43 -7.76 -11.36 26.43
N MET C 44 -6.98 -12.44 26.32
CA MET C 44 -5.55 -12.48 26.74
C MET C 44 -4.71 -11.33 26.16
N ASN C 45 -4.84 -11.03 24.86
N ASN C 45 -4.89 -11.03 24.86
CA ASN C 45 -4.00 -9.93 24.30
CA ASN C 45 -4.09 -9.98 24.18
C ASN C 45 -4.30 -8.61 25.01
C ASN C 45 -4.33 -8.62 24.85
N VAL C 46 -5.58 -8.31 25.22
CA VAL C 46 -5.92 -7.03 25.91
C VAL C 46 -5.32 -7.07 27.33
N ALA C 47 -5.50 -8.17 28.04
CA ALA C 47 -4.98 -8.29 29.43
C ALA C 47 -3.45 -8.14 29.44
N LYS C 48 -2.78 -8.82 28.52
CA LYS C 48 -1.30 -8.83 28.45
C LYS C 48 -0.76 -7.42 28.15
N TYR C 49 -1.31 -6.76 27.14
CA TYR C 49 -0.86 -5.39 26.79
C TYR C 49 -1.21 -4.42 27.93
N THR C 50 -2.35 -4.61 28.57
CA THR C 50 -2.71 -3.71 29.70
C THR C 50 -1.63 -3.85 30.79
N GLN C 51 -1.20 -5.08 31.09
CA GLN C 51 -0.17 -5.24 32.15
C GLN C 51 1.18 -4.68 31.67
N LEU C 52 1.53 -4.88 30.40
CA LEU C 52 2.80 -4.28 29.89
C LEU C 52 2.75 -2.76 30.09
N CYS C 53 1.65 -2.12 29.68
CA CYS C 53 1.52 -0.66 29.82
C CYS C 53 1.53 -0.25 31.30
N GLN C 54 0.86 -1.00 32.16
CA GLN C 54 0.88 -0.68 33.61
C GLN C 54 2.33 -0.69 34.11
N TYR C 55 3.14 -1.63 33.62
CA TYR C 55 4.56 -1.67 34.05
C TYR C 55 5.35 -0.51 33.42
N LEU C 56 5.13 -0.25 32.12
CA LEU C 56 5.85 0.88 31.45
C LEU C 56 5.57 2.20 32.19
N ASN C 57 4.37 2.34 32.77
CA ASN C 57 4.02 3.54 33.56
C ASN C 57 4.99 3.74 34.74
N THR C 58 5.60 2.67 35.25
CA THR C 58 6.50 2.79 36.43
C THR C 58 7.93 3.18 36.02
N LEU C 59 8.23 3.26 34.72
CA LEU C 59 9.61 3.57 34.25
C LEU C 59 9.72 5.06 33.90
N THR C 60 10.85 5.48 33.33
CA THR C 60 11.06 6.91 32.96
C THR C 60 10.92 7.09 31.45
N LEU C 61 9.77 6.68 30.89
CA LEU C 61 9.54 6.89 29.43
C LEU C 61 9.43 8.39 29.11
N ALA C 62 10.06 8.78 28.00
CA ALA C 62 9.87 10.14 27.46
C ALA C 62 8.51 10.14 26.78
N VAL C 63 7.71 11.17 27.04
CA VAL C 63 6.33 11.26 26.46
C VAL C 63 6.16 12.65 25.88
N PRO C 64 6.70 12.91 24.68
CA PRO C 64 6.56 14.22 24.06
C PRO C 64 5.19 14.44 23.43
N TYR C 65 4.89 15.70 23.11
CA TYR C 65 3.70 16.00 22.30
C TYR C 65 3.92 15.34 20.94
N ASN C 66 2.86 14.91 20.25
CA ASN C 66 3.02 14.29 18.90
C ASN C 66 4.02 13.13 18.98
N MET C 67 3.89 12.35 20.04
CA MET C 67 4.77 11.17 20.28
C MET C 67 4.58 10.20 19.11
N ARG C 68 5.67 9.53 18.73
CA ARG C 68 5.68 8.58 17.58
C ARG C 68 5.86 7.16 18.10
N VAL C 69 4.83 6.34 17.91
CA VAL C 69 4.87 4.94 18.40
C VAL C 69 4.62 4.00 17.23
N ILE C 70 5.45 2.96 17.14
CA ILE C 70 5.28 1.94 16.07
C ILE C 70 5.12 0.58 16.76
N HIS C 71 4.12 -0.17 16.31
CA HIS C 71 3.72 -1.48 16.88
C HIS C 71 3.81 -2.59 15.83
N PHE C 72 4.82 -3.46 15.98
CA PHE C 72 5.04 -4.58 15.03
C PHE C 72 4.35 -5.84 15.54
N GLY C 73 3.88 -6.70 14.63
CA GLY C 73 3.20 -7.95 14.99
C GLY C 73 1.86 -7.69 15.66
N ALA C 74 1.12 -6.70 15.17
CA ALA C 74 -0.14 -6.24 15.80
C ALA C 74 -1.39 -7.02 15.37
N GLY C 75 -1.30 -7.90 14.36
CA GLY C 75 -2.50 -8.60 13.87
C GLY C 75 -2.82 -9.84 14.68
N SER C 76 -4.08 -10.00 15.08
CA SER C 76 -4.49 -11.21 15.85
C SER C 76 -4.91 -12.32 14.88
N ASP C 77 -5.12 -13.53 15.39
CA ASP C 77 -5.56 -14.68 14.56
C ASP C 77 -6.96 -14.38 14.02
N LYS C 78 -7.68 -13.45 14.66
CA LYS C 78 -9.07 -13.14 14.21
C LYS C 78 -9.10 -11.90 13.32
N GLY C 79 -7.95 -11.33 12.97
CA GLY C 79 -7.97 -10.18 12.02
C GLY C 79 -8.23 -8.83 12.66
N VAL C 80 -8.06 -8.71 13.98
CA VAL C 80 -8.22 -7.38 14.64
C VAL C 80 -6.88 -7.04 15.32
N ALA C 81 -6.81 -5.94 16.06
CA ALA C 81 -5.54 -5.52 16.70
C ALA C 81 -5.79 -5.14 18.15
N PRO C 82 -5.98 -6.14 19.03
CA PRO C 82 -6.27 -5.86 20.44
C PRO C 82 -5.14 -5.06 21.11
N GLY C 83 -3.89 -5.42 20.83
CA GLY C 83 -2.73 -4.70 21.40
C GLY C 83 -2.70 -3.24 20.97
N THR C 84 -3.01 -2.99 19.70
CA THR C 84 -3.06 -1.58 19.21
C THR C 84 -4.16 -0.83 19.96
N ALA C 85 -5.31 -1.49 20.16
CA ALA C 85 -6.42 -0.84 20.90
C ALA C 85 -5.94 -0.44 22.31
N VAL C 86 -5.21 -1.34 22.99
CA VAL C 86 -4.70 -1.01 24.36
C VAL C 86 -3.68 0.13 24.27
N LEU C 87 -2.71 0.04 23.35
CA LEU C 87 -1.69 1.12 23.24
C LEU C 87 -2.37 2.47 22.98
N ARG C 88 -3.39 2.50 22.13
CA ARG C 88 -4.05 3.79 21.81
C ARG C 88 -4.80 4.31 23.04
N GLN C 89 -5.36 3.40 23.85
CA GLN C 89 -6.05 3.80 25.10
C GLN C 89 -5.02 4.38 26.08
N TRP C 90 -3.87 3.71 26.18
CA TRP C 90 -2.79 4.08 27.12
C TRP C 90 -2.11 5.39 26.75
N LEU C 91 -1.71 5.53 25.49
CA LEU C 91 -0.97 6.71 24.99
C LEU C 91 -1.86 7.95 24.99
N PRO C 92 -1.25 9.13 25.18
CA PRO C 92 -1.99 10.38 25.12
C PRO C 92 -2.73 10.53 23.78
N THR C 93 -3.92 11.11 23.84
CA THR C 93 -4.69 11.42 22.61
C THR C 93 -3.77 12.30 21.75
N GLY C 94 -3.67 12.02 20.46
CA GLY C 94 -2.78 12.86 19.62
C GLY C 94 -1.45 12.15 19.38
N THR C 95 -1.22 11.05 20.10
CA THR C 95 0.02 10.26 19.85
C THR C 95 -0.13 9.60 18.47
N LEU C 96 0.92 9.68 17.64
CA LEU C 96 0.90 9.00 16.32
C LEU C 96 1.17 7.52 16.55
N LEU C 97 0.26 6.66 16.09
CA LEU C 97 0.42 5.20 16.29
C LEU C 97 0.33 4.50 14.94
N VAL C 98 1.41 3.82 14.59
CA VAL C 98 1.50 3.01 13.35
C VAL C 98 1.63 1.55 13.76
N ASP C 99 0.88 0.65 13.09
CA ASP C 99 1.07 -0.78 13.43
C ASP C 99 1.36 -1.55 12.13
N SER C 100 1.72 -2.83 12.29
CA SER C 100 2.18 -3.64 11.15
C SER C 100 2.06 -5.13 11.45
N ASP C 101 1.85 -5.92 10.40
CA ASP C 101 1.88 -7.40 10.53
C ASP C 101 1.94 -7.98 9.12
N LEU C 102 2.11 -9.30 9.02
CA LEU C 102 2.31 -10.02 7.74
C LEU C 102 1.01 -10.07 6.93
N ASN C 103 -0.13 -10.16 7.60
CA ASN C 103 -1.41 -10.28 6.85
C ASN C 103 -2.37 -9.17 7.26
N ASP C 104 -3.34 -8.88 6.39
N ASP C 104 -3.35 -8.91 6.39
CA ASP C 104 -4.31 -7.78 6.61
CA ASP C 104 -4.39 -7.86 6.59
C ASP C 104 -5.06 -8.01 7.93
C ASP C 104 -5.06 -8.02 7.96
N PHE C 105 -5.37 -6.91 8.62
CA PHE C 105 -6.10 -6.94 9.91
C PHE C 105 -6.78 -5.58 10.05
N VAL C 106 -7.79 -5.50 10.92
CA VAL C 106 -8.61 -4.29 11.21
C VAL C 106 -7.93 -3.58 12.39
N SER C 107 -7.58 -2.30 12.26
CA SER C 107 -6.81 -1.62 13.34
C SER C 107 -7.32 -0.22 13.67
N ASP C 108 -7.02 0.22 14.88
CA ASP C 108 -7.36 1.59 15.37
C ASP C 108 -6.16 2.51 15.17
N ALA C 109 -5.05 1.97 14.63
CA ALA C 109 -3.84 2.79 14.42
C ALA C 109 -4.10 3.87 13.37
N ASP C 110 -3.34 4.95 13.43
CA ASP C 110 -3.39 6.05 12.45
C ASP C 110 -3.03 5.49 11.06
N SER C 111 -2.07 4.56 11.01
N SER C 111 -2.11 4.54 11.01
CA SER C 111 -1.66 3.90 9.74
CA SER C 111 -1.75 3.89 9.73
C SER C 111 -1.31 2.44 10.02
C SER C 111 -1.34 2.44 10.01
N THR C 112 -1.64 1.54 9.08
CA THR C 112 -1.33 0.09 9.21
C THR C 112 -0.57 -0.38 7.97
N LEU C 113 0.58 -1.02 8.16
CA LEU C 113 1.39 -1.53 7.03
C LEU C 113 1.30 -3.06 7.03
N ILE C 114 1.05 -3.65 5.86
CA ILE C 114 0.92 -5.12 5.75
C ILE C 114 2.12 -5.68 4.98
N GLY C 115 2.77 -6.70 5.55
CA GLY C 115 3.92 -7.37 4.91
C GLY C 115 5.04 -7.66 5.88
N ASP C 116 6.10 -8.31 5.39
N ASP C 116 6.12 -8.29 5.39
CA ASP C 116 7.30 -8.62 6.22
CA ASP C 116 7.33 -8.61 6.19
C ASP C 116 7.80 -7.29 6.80
C ASP C 116 7.85 -7.29 6.78
N CYS C 117 8.13 -7.25 8.10
CA CYS C 117 8.61 -5.98 8.72
C CYS C 117 9.85 -5.47 7.98
N ALA C 118 10.57 -6.35 7.28
CA ALA C 118 11.77 -5.95 6.52
C ALA C 118 11.38 -5.05 5.33
N THR C 119 10.10 -5.01 4.97
CA THR C 119 9.60 -4.16 3.85
C THR C 119 9.15 -2.80 4.40
N VAL C 120 9.19 -2.62 5.72
CA VAL C 120 8.74 -1.33 6.33
C VAL C 120 9.87 -0.31 6.28
N HIS C 121 9.63 0.84 5.66
CA HIS C 121 10.64 1.92 5.58
C HIS C 121 10.06 3.20 6.17
N THR C 122 10.90 3.99 6.82
CA THR C 122 10.51 5.29 7.40
C THR C 122 11.70 6.24 7.33
N ALA C 123 11.45 7.50 7.05
CA ALA C 123 12.52 8.52 7.00
C ALA C 123 12.58 9.21 8.37
N ASN C 124 11.79 8.75 9.34
CA ASN C 124 11.73 9.43 10.65
C ASN C 124 12.22 8.56 11.79
N LYS C 125 12.54 9.21 12.91
CA LYS C 125 12.92 8.51 14.17
C LYS C 125 11.64 8.39 15.01
N TRP C 126 11.55 7.31 15.78
CA TRP C 126 10.37 6.99 16.61
C TRP C 126 10.71 7.13 18.09
N ASP C 127 9.68 7.29 18.93
CA ASP C 127 9.87 7.53 20.38
C ASP C 127 9.64 6.24 21.17
N LEU C 128 8.90 5.30 20.60
CA LEU C 128 8.59 4.03 21.29
C LEU C 128 8.32 2.95 20.26
N ILE C 129 8.98 1.80 20.44
CA ILE C 129 8.79 0.62 19.55
C ILE C 129 8.23 -0.51 20.39
N ILE C 130 7.07 -1.03 19.99
CA ILE C 130 6.45 -2.21 20.65
C ILE C 130 6.46 -3.33 19.62
N SER C 131 6.91 -4.53 20.01
CA SER C 131 6.87 -5.67 19.06
C SER C 131 6.27 -6.90 19.73
N ASP C 132 5.29 -7.49 19.07
CA ASP C 132 4.66 -8.76 19.49
C ASP C 132 4.93 -9.76 18.36
N MET C 133 5.92 -9.47 17.51
CA MET C 133 6.28 -10.41 16.43
C MET C 133 6.74 -11.73 17.02
N TYR C 134 6.21 -12.81 16.47
CA TYR C 134 6.50 -14.18 16.97
C TYR C 134 6.07 -15.19 15.90
N ASP C 135 7.01 -16.00 15.42
CA ASP C 135 6.68 -17.03 14.39
C ASP C 135 6.22 -18.28 15.17
N PRO C 136 4.91 -18.63 15.16
CA PRO C 136 4.42 -19.77 15.93
C PRO C 136 5.23 -21.06 15.73
N LYS C 137 5.73 -21.27 14.50
CA LYS C 137 6.52 -22.50 14.17
C LYS C 137 7.97 -22.34 14.64
N THR C 138 8.31 -21.22 15.30
CA THR C 138 9.70 -21.00 15.80
C THR C 138 9.99 -21.95 16.97
N LYS C 139 8.93 -22.45 17.62
CA LYS C 139 9.06 -23.37 18.78
C LYS C 139 9.43 -24.78 18.31
N ASN C 140 10.71 -25.14 18.46
CA ASN C 140 11.23 -26.50 18.12
C ASN C 140 11.95 -27.03 19.37
N VAL C 141 11.17 -27.58 20.30
CA VAL C 141 11.62 -28.11 21.63
C VAL C 141 12.82 -29.07 21.47
N THR C 142 12.95 -29.76 20.34
CA THR C 142 14.08 -30.72 20.17
C THR C 142 15.17 -30.14 19.26
N LYS C 143 14.92 -29.02 18.57
CA LYS C 143 16.00 -28.45 17.71
C LYS C 143 16.84 -27.48 18.55
N GLU C 144 18.12 -27.34 18.17
CA GLU C 144 19.06 -26.49 18.93
C GLU C 144 18.50 -25.07 19.06
N ASN C 145 18.59 -24.50 20.26
CA ASN C 145 18.03 -23.16 20.50
C ASN C 145 19.10 -22.10 20.27
N ASP C 146 19.35 -21.74 19.00
CA ASP C 146 20.34 -20.70 18.62
C ASP C 146 19.65 -19.33 18.46
N SER C 147 20.44 -18.27 18.40
CA SER C 147 19.92 -16.89 18.18
C SER C 147 19.15 -16.87 16.86
N LYS C 148 17.94 -16.29 16.85
CA LYS C 148 17.09 -16.25 15.63
C LYS C 148 17.40 -14.97 14.83
N GLU C 149 17.44 -15.07 13.49
CA GLU C 149 17.85 -13.91 12.63
C GLU C 149 16.83 -13.58 11.54
N GLY C 150 15.54 -13.62 11.86
CA GLY C 150 14.51 -13.21 10.88
C GLY C 150 14.10 -11.77 11.16
N PHE C 151 12.93 -11.55 11.75
CA PHE C 151 12.49 -10.16 12.04
C PHE C 151 13.39 -9.53 13.11
N PHE C 152 14.12 -10.34 13.89
CA PHE C 152 14.99 -9.73 14.92
C PHE C 152 16.10 -8.87 14.29
N THR C 153 16.64 -9.30 13.14
N THR C 153 16.62 -9.31 13.14
CA THR C 153 17.72 -8.50 12.49
CA THR C 153 17.67 -8.56 12.42
C THR C 153 17.12 -7.15 12.08
C THR C 153 17.13 -7.17 12.07
N TYR C 154 15.87 -7.14 11.61
CA TYR C 154 15.20 -5.88 11.22
C TYR C 154 15.03 -4.98 12.45
N ILE C 155 14.55 -5.57 13.56
N ILE C 155 14.55 -5.58 13.56
CA ILE C 155 14.31 -4.79 14.82
CA ILE C 155 14.32 -4.82 14.83
C ILE C 155 15.64 -4.17 15.30
C ILE C 155 15.64 -4.17 15.28
N CYS C 156 16.74 -4.94 15.25
CA CYS C 156 18.06 -4.42 15.69
C CYS C 156 18.46 -3.22 14.82
N GLY C 157 18.30 -3.34 13.50
CA GLY C 157 18.61 -2.22 12.59
C GLY C 157 17.69 -1.04 12.87
N PHE C 158 16.40 -1.30 13.09
CA PHE C 158 15.39 -0.23 13.34
C PHE C 158 15.76 0.54 14.62
N ILE C 159 16.17 -0.18 15.66
CA ILE C 159 16.60 0.47 16.94
C ILE C 159 17.85 1.34 16.69
N GLN C 160 18.81 0.83 15.92
CA GLN C 160 20.08 1.56 15.73
C GLN C 160 19.93 2.72 14.74
N GLN C 161 18.88 2.72 13.91
CA GLN C 161 18.78 3.79 12.90
C GLN C 161 17.51 4.65 13.04
N LYS C 162 16.44 4.12 13.61
CA LYS C 162 15.14 4.84 13.58
C LYS C 162 14.58 5.12 14.98
N LEU C 163 15.36 4.89 16.04
CA LEU C 163 14.86 5.18 17.40
C LEU C 163 15.49 6.48 17.90
N ALA C 164 14.66 7.43 18.31
CA ALA C 164 15.18 8.70 18.84
C ALA C 164 15.99 8.45 20.10
N LEU C 165 17.04 9.23 20.34
CA LEU C 165 17.73 9.11 21.65
C LEU C 165 16.70 9.47 22.73
N GLY C 166 16.65 8.71 23.82
CA GLY C 166 15.66 8.93 24.88
C GLY C 166 14.44 8.04 24.70
N GLY C 167 14.29 7.48 23.49
CA GLY C 167 13.16 6.59 23.17
C GLY C 167 13.27 5.24 23.87
N SER C 168 12.19 4.47 23.85
CA SER C 168 12.18 3.16 24.55
C SER C 168 11.61 2.07 23.66
N VAL C 169 11.83 0.81 24.06
CA VAL C 169 11.32 -0.35 23.28
C VAL C 169 10.81 -1.40 24.26
N ALA C 170 9.88 -2.21 23.76
CA ALA C 170 9.31 -3.40 24.45
C ALA C 170 9.17 -4.45 23.36
N ILE C 171 10.08 -5.42 23.34
CA ILE C 171 10.14 -6.44 22.25
C ILE C 171 9.85 -7.82 22.82
N LYS C 172 8.83 -8.49 22.29
CA LYS C 172 8.48 -9.82 22.82
C LYS C 172 9.55 -10.84 22.45
N ILE C 173 9.92 -11.65 23.43
CA ILE C 173 10.82 -12.80 23.23
C ILE C 173 10.19 -14.02 23.92
N THR C 174 10.70 -15.21 23.60
CA THR C 174 10.26 -16.45 24.26
C THR C 174 11.52 -17.29 24.45
N GLU C 175 11.36 -18.50 24.96
CA GLU C 175 12.54 -19.38 25.09
C GLU C 175 13.22 -19.53 23.73
N HIS C 176 12.44 -19.78 22.67
CA HIS C 176 13.00 -20.06 21.33
C HIS C 176 13.00 -18.83 20.41
N SER C 177 12.16 -17.83 20.69
CA SER C 177 12.12 -16.63 19.83
C SER C 177 12.95 -15.52 20.50
N TRP C 178 14.24 -15.44 20.15
CA TRP C 178 15.16 -14.46 20.76
C TRP C 178 16.33 -14.19 19.81
N ASN C 179 17.11 -13.18 20.14
CA ASN C 179 18.26 -12.78 19.28
C ASN C 179 19.37 -12.23 20.18
N ALA C 180 20.60 -12.71 19.95
CA ALA C 180 21.75 -12.29 20.78
C ALA C 180 22.03 -10.79 20.58
N ASP C 181 21.90 -10.28 19.34
CA ASP C 181 22.20 -8.85 19.07
C ASP C 181 21.17 -7.95 19.77
N LEU C 182 19.93 -8.40 19.91
CA LEU C 182 18.90 -7.57 20.60
C LEU C 182 19.28 -7.45 22.07
N TYR C 183 19.69 -8.54 22.72
CA TYR C 183 20.12 -8.41 24.13
C TYR C 183 21.32 -7.46 24.23
N LYS C 184 22.24 -7.57 23.27
CA LYS C 184 23.43 -6.67 23.29
C LYS C 184 22.96 -5.21 23.19
N LEU C 185 21.92 -4.94 22.39
CA LEU C 185 21.40 -3.55 22.20
C LEU C 185 20.73 -3.04 23.48
N MET C 186 20.28 -3.94 24.36
CA MET C 186 19.68 -3.48 25.65
C MET C 186 20.73 -2.67 26.41
N GLY C 187 22.02 -2.95 26.16
CA GLY C 187 23.13 -2.23 26.82
C GLY C 187 23.31 -0.83 26.26
N HIS C 188 22.54 -0.48 25.22
CA HIS C 188 22.59 0.87 24.59
C HIS C 188 21.51 1.76 25.20
N PHE C 189 20.81 1.27 26.22
CA PHE C 189 19.75 2.04 26.91
C PHE C 189 20.23 2.38 28.33
N ALA C 190 19.61 3.40 28.93
CA ALA C 190 20.01 3.79 30.31
C ALA C 190 19.67 2.66 31.27
N TRP C 191 18.66 1.86 30.92
CA TRP C 191 18.23 0.74 31.81
C TRP C 191 17.46 -0.26 30.95
N TRP C 192 17.48 -1.53 31.35
CA TRP C 192 16.72 -2.54 30.56
C TRP C 192 16.28 -3.66 31.51
N THR C 193 15.30 -4.44 31.07
CA THR C 193 14.88 -5.63 31.84
C THR C 193 14.12 -6.58 30.92
N ALA C 194 13.81 -7.75 31.45
CA ALA C 194 12.95 -8.75 30.81
C ALA C 194 11.72 -8.78 31.70
N PHE C 195 10.58 -8.35 31.16
CA PHE C 195 9.34 -8.25 31.96
C PHE C 195 8.36 -9.36 31.55
N VAL C 196 7.86 -10.06 32.57
CA VAL C 196 6.87 -11.16 32.39
C VAL C 196 5.52 -10.67 32.91
N THR C 197 4.49 -10.65 32.04
CA THR C 197 3.14 -10.25 32.51
C THR C 197 2.62 -11.34 33.44
N ASN C 198 1.91 -10.95 34.48
CA ASN C 198 1.34 -11.94 35.43
C ASN C 198 0.25 -12.76 34.75
N VAL C 199 -0.44 -12.22 33.73
CA VAL C 199 -1.53 -13.03 33.11
C VAL C 199 -0.94 -14.11 32.22
N ASN C 200 0.34 -13.99 31.84
CA ASN C 200 0.89 -15.00 30.90
C ASN C 200 2.16 -15.61 31.49
N ALA C 201 2.26 -15.61 32.82
CA ALA C 201 3.46 -16.10 33.54
C ALA C 201 3.68 -17.61 33.34
N SER C 202 2.72 -18.34 32.77
CA SER C 202 2.87 -19.80 32.50
C SER C 202 3.64 -20.01 31.18
N SER C 203 3.92 -18.93 30.46
CA SER C 203 4.68 -18.95 29.18
C SER C 203 6.11 -18.44 29.39
N SER C 204 7.04 -18.86 28.53
CA SER C 204 8.47 -18.41 28.55
C SER C 204 8.53 -17.01 27.94
N GLU C 205 7.39 -16.49 27.51
CA GLU C 205 7.29 -15.14 26.93
C GLU C 205 7.76 -14.08 27.93
N ALA C 206 8.42 -13.06 27.41
CA ALA C 206 8.78 -11.86 28.18
C ALA C 206 8.91 -10.70 27.19
N PHE C 207 8.83 -9.49 27.70
CA PHE C 207 9.11 -8.30 26.88
C PHE C 207 10.48 -7.76 27.27
N LEU C 208 11.40 -7.72 26.31
CA LEU C 208 12.72 -7.08 26.55
C LEU C 208 12.48 -5.59 26.45
N ILE C 209 12.65 -4.89 27.57
CA ILE C 209 12.36 -3.44 27.63
C ILE C 209 13.67 -2.66 27.74
N GLY C 210 13.91 -1.80 26.76
CA GLY C 210 15.04 -0.87 26.73
C GLY C 210 14.48 0.50 27.08
N CYS C 211 14.93 1.09 28.19
CA CYS C 211 14.35 2.38 28.63
C CYS C 211 15.39 3.50 28.45
N ASN C 212 15.08 4.44 27.54
CA ASN C 212 15.89 5.65 27.25
C ASN C 212 17.16 5.27 26.47
N TYR C 213 17.02 5.27 25.14
CA TYR C 213 18.09 4.90 24.19
C TYR C 213 19.22 5.95 24.23
N LEU C 214 20.47 5.49 24.32
CA LEU C 214 21.64 6.41 24.41
C LEU C 214 22.43 6.42 23.09
N GLY C 215 22.09 5.54 22.15
CA GLY C 215 22.75 5.51 20.82
C GLY C 215 24.18 4.98 20.87
N LYS C 216 24.59 4.43 22.01
CA LYS C 216 25.97 3.89 22.15
C LYS C 216 25.94 2.89 23.31
N PRO C 217 26.87 1.91 23.35
CA PRO C 217 26.86 0.93 24.43
C PRO C 217 27.27 1.53 25.78
N ARG C 218 26.31 1.58 26.70
CA ARG C 218 26.55 2.03 28.10
C ARG C 218 27.22 0.84 28.82
N GLU C 219 26.80 -0.37 28.48
CA GLU C 219 27.39 -1.62 29.04
C GLU C 219 27.50 -2.64 27.91
N GLN C 220 28.48 -3.55 28.02
CA GLN C 220 28.69 -4.64 27.04
C GLN C 220 27.89 -5.85 27.50
N ILE C 221 26.97 -6.32 26.67
CA ILE C 221 26.15 -7.51 27.02
C ILE C 221 26.37 -8.61 25.99
N ASP C 222 26.69 -9.82 26.46
CA ASP C 222 26.79 -11.02 25.59
C ASP C 222 25.36 -11.57 25.53
N GLY C 223 24.72 -11.48 24.37
N GLY C 223 24.72 -11.48 24.37
CA GLY C 223 23.33 -11.90 24.17
CA GLY C 223 23.33 -11.90 24.17
C GLY C 223 23.10 -13.38 24.43
C GLY C 223 23.10 -13.38 24.43
N TYR C 224 24.05 -14.24 24.06
CA TYR C 224 23.88 -15.71 24.27
C TYR C 224 23.82 -15.97 25.78
N VAL C 225 24.72 -15.30 26.50
CA VAL C 225 24.79 -15.45 27.99
C VAL C 225 23.52 -14.85 28.61
N MET C 226 23.06 -13.69 28.12
CA MET C 226 21.91 -13.04 28.79
C MET C 226 20.63 -13.86 28.57
N HIS C 227 20.45 -14.48 27.40
CA HIS C 227 19.23 -15.31 27.24
C HIS C 227 19.31 -16.51 28.20
N ALA C 228 20.50 -17.10 28.35
CA ALA C 228 20.69 -18.23 29.29
C ALA C 228 20.36 -17.74 30.71
N ASN C 229 20.76 -16.49 31.03
CA ASN C 229 20.46 -15.92 32.39
C ASN C 229 18.95 -15.74 32.52
N TYR C 230 18.29 -15.32 31.44
CA TYR C 230 16.82 -15.12 31.47
C TYR C 230 16.13 -16.46 31.76
N ILE C 231 16.49 -17.49 31.01
CA ILE C 231 15.89 -18.85 31.20
C ILE C 231 16.19 -19.35 32.62
N PHE C 232 17.41 -19.15 33.12
CA PHE C 232 17.75 -19.59 34.49
C PHE C 232 16.81 -18.90 35.49
N TRP C 233 16.61 -17.60 35.31
CA TRP C 233 15.70 -16.83 36.20
C TRP C 233 14.29 -17.45 36.14
N ARG C 234 13.75 -17.64 34.94
CA ARG C 234 12.39 -18.22 34.77
C ARG C 234 12.31 -19.63 35.38
N ASN C 235 13.34 -20.45 35.17
CA ASN C 235 13.35 -21.86 35.67
C ASN C 235 13.41 -21.92 37.19
N THR C 236 13.98 -20.90 37.85
CA THR C 236 14.16 -20.98 39.32
C THR C 236 13.20 -20.05 40.07
N ASN C 237 12.39 -19.25 39.37
CA ASN C 237 11.46 -18.31 40.04
C ASN C 237 10.06 -18.44 39.47
N PRO C 238 9.26 -19.39 39.99
CA PRO C 238 7.90 -19.58 39.52
C PRO C 238 7.10 -18.29 39.73
N ILE C 239 6.37 -17.86 38.71
CA ILE C 239 5.53 -16.64 38.84
C ILE C 239 4.07 -17.09 38.88
N GLN C 240 3.38 -16.69 39.95
CA GLN C 240 1.94 -17.04 40.14
C GLN C 240 1.10 -16.34 39.08
N LEU C 241 0.30 -17.10 38.33
CA LEU C 241 -0.62 -16.49 37.33
C LEU C 241 -1.54 -15.52 38.06
N SER C 242 -1.73 -14.31 37.51
CA SER C 242 -2.55 -13.28 38.19
C SER C 242 -3.06 -12.22 37.21
N SER C 243 -4.34 -11.88 37.33
CA SER C 243 -5.04 -10.84 36.56
C SER C 243 -5.42 -9.70 37.50
N TYR C 244 -4.95 -9.77 38.76
CA TYR C 244 -5.38 -8.83 39.82
C TYR C 244 -5.14 -7.36 39.44
N SER C 245 -4.01 -7.01 38.79
CA SER C 245 -3.73 -5.60 38.41
C SER C 245 -4.76 -5.05 37.41
N LEU C 246 -5.52 -5.91 36.72
CA LEU C 246 -6.48 -5.43 35.68
C LEU C 246 -7.76 -4.83 36.27
N PHE C 247 -8.05 -5.09 37.55
CA PHE C 247 -9.32 -4.62 38.16
C PHE C 247 -9.27 -3.15 38.57
N ASP C 248 -8.09 -2.55 38.68
CA ASP C 248 -8.04 -1.11 39.03
C ASP C 248 -7.35 -0.38 37.88
N MET C 249 -8.15 0.30 37.06
CA MET C 249 -7.61 1.00 35.87
C MET C 249 -7.55 2.50 36.12
N SER C 250 -7.69 2.94 37.39
CA SER C 250 -7.73 4.40 37.71
C SER C 250 -6.44 5.12 37.32
N LYS C 251 -5.27 4.48 37.37
CA LYS C 251 -4.04 5.24 37.01
C LYS C 251 -3.43 4.70 35.71
N PHE C 252 -4.25 4.15 34.82
CA PHE C 252 -3.73 3.50 33.60
C PHE C 252 -3.12 4.46 32.58
N PRO C 253 -3.77 5.60 32.21
CA PRO C 253 -3.26 6.45 31.13
C PRO C 253 -1.82 6.93 31.32
N LEU C 254 -1.02 6.81 30.26
CA LEU C 254 0.37 7.33 30.29
C LEU C 254 0.28 8.86 30.41
N LYS C 255 0.89 9.43 31.43
CA LYS C 255 0.81 10.91 31.61
C LYS C 255 1.57 11.62 30.49
N LEU C 256 0.91 12.55 29.79
CA LEU C 256 1.59 13.37 28.74
C LEU C 256 2.54 14.32 29.49
N ARG C 257 3.82 14.29 29.17
CA ARG C 257 4.85 15.13 29.86
C ARG C 257 5.29 16.30 28.96
N GLY C 258 4.98 16.24 27.66
CA GLY C 258 5.48 17.28 26.74
C GLY C 258 7.00 17.27 26.77
N THR C 259 7.58 16.08 26.85
CA THR C 259 9.05 15.92 26.92
C THR C 259 9.71 16.75 25.82
N ALA C 260 10.72 17.54 26.18
CA ALA C 260 11.43 18.35 25.19
C ALA C 260 11.98 17.46 24.07
N VAL C 261 11.84 17.93 22.85
CA VAL C 261 12.40 17.27 21.64
C VAL C 261 13.43 18.24 21.06
N MET C 262 14.70 17.84 21.02
CA MET C 262 15.77 18.71 20.46
C MET C 262 16.47 17.99 19.31
N SER C 263 16.86 18.76 18.29
CA SER C 263 17.56 18.19 17.11
C SER C 263 19.08 18.34 17.29
N LEU C 264 19.64 17.66 18.29
CA LEU C 264 21.10 17.71 18.55
C LEU C 264 21.79 16.69 17.64
N LYS C 265 22.99 17.01 17.14
CA LYS C 265 23.73 16.10 16.23
C LYS C 265 24.88 15.47 17.00
N GLU C 266 25.39 14.33 16.52
CA GLU C 266 26.55 13.65 17.16
C GLU C 266 27.65 14.69 17.34
N GLY C 267 28.22 14.77 18.55
CA GLY C 267 29.24 15.78 18.88
C GLY C 267 28.68 16.80 19.86
N GLN C 268 27.35 16.79 20.03
CA GLN C 268 26.66 17.69 20.99
C GLN C 268 26.10 16.84 22.12
N ILE C 269 26.17 15.50 21.97
CA ILE C 269 25.63 14.55 22.98
C ILE C 269 26.65 14.37 24.12
N ASN C 270 26.74 15.37 25.01
CA ASN C 270 27.68 15.35 26.16
C ASN C 270 27.07 14.57 27.34
N ASP C 271 27.80 14.44 28.45
CA ASP C 271 27.35 13.69 29.65
C ASP C 271 26.09 14.33 30.26
N MET C 272 25.98 15.65 30.19
CA MET C 272 24.79 16.32 30.78
C MET C 272 23.55 15.93 29.95
N ILE C 273 23.70 15.87 28.62
CA ILE C 273 22.60 15.43 27.71
C ILE C 273 22.30 13.96 27.99
N LEU C 274 23.33 13.10 28.08
CA LEU C 274 23.10 11.66 28.38
C LEU C 274 22.33 11.53 29.70
N SER C 275 22.64 12.40 30.68
CA SER C 275 21.93 12.36 31.98
C SER C 275 20.44 12.71 31.79
N LEU C 276 20.13 13.73 30.98
CA LEU C 276 18.71 14.10 30.72
C LEU C 276 18.02 12.94 29.99
N LEU C 277 18.67 12.36 28.98
CA LEU C 277 18.11 11.19 28.25
C LEU C 277 17.83 10.05 29.23
N SER C 278 18.78 9.78 30.13
CA SER C 278 18.69 8.65 31.08
C SER C 278 17.56 8.85 32.12
N LYS C 279 17.05 10.07 32.26
CA LYS C 279 15.98 10.36 33.26
C LYS C 279 14.62 10.48 32.56
N GLY C 280 14.56 10.25 31.25
CA GLY C 280 13.30 10.37 30.50
C GLY C 280 12.86 11.81 30.34
N ARG C 281 13.80 12.75 30.38
CA ARG C 281 13.47 14.20 30.28
C ARG C 281 13.78 14.77 28.89
N LEU C 282 14.23 13.95 27.95
CA LEU C 282 14.64 14.52 26.64
C LEU C 282 14.54 13.47 25.54
N ILE C 283 14.10 13.93 24.37
CA ILE C 283 14.04 13.15 23.12
C ILE C 283 14.92 13.88 22.12
N ILE C 284 15.83 13.17 21.45
CA ILE C 284 16.69 13.82 20.42
C ILE C 284 16.33 13.23 19.06
N ARG C 285 15.83 14.09 18.18
CA ARG C 285 15.46 13.75 16.79
C ARG C 285 14.91 15.02 16.14
N GLU C 286 14.82 15.03 14.81
CA GLU C 286 14.18 16.16 14.11
C GLU C 286 12.66 15.99 14.26
N ASN C 287 11.89 16.99 13.83
CA ASN C 287 10.40 16.97 13.91
C ASN C 287 9.82 17.09 12.50
N ASN C 288 10.35 16.33 11.54
CA ASN C 288 9.87 16.39 10.13
C ASN C 288 8.55 15.62 9.99
N ARG C 289 7.83 15.84 8.88
CA ARG C 289 6.59 15.11 8.56
C ARG C 289 6.87 13.62 8.76
N VAL C 290 5.95 12.89 9.41
CA VAL C 290 6.16 11.43 9.64
C VAL C 290 5.72 10.70 8.38
N VAL C 291 6.67 10.00 7.75
CA VAL C 291 6.42 9.28 6.49
C VAL C 291 6.85 7.82 6.66
N ILE C 292 5.96 6.90 6.26
CA ILE C 292 6.21 5.44 6.36
C ILE C 292 5.79 4.82 5.02
N SER C 293 6.31 3.64 4.72
CA SER C 293 5.94 2.93 3.48
C SER C 293 6.24 1.44 3.65
N SER C 294 5.55 0.62 2.85
CA SER C 294 5.68 -0.85 2.79
C SER C 294 6.15 -1.24 1.38
N ASP C 295 7.40 -1.69 1.23
CA ASP C 295 7.93 -2.13 -0.08
C ASP C 295 7.01 -3.19 -0.67
N VAL C 296 6.73 -3.08 -1.97
CA VAL C 296 5.88 -4.07 -2.70
C VAL C 296 6.78 -4.77 -3.72
N LEU C 297 6.86 -6.11 -3.62
CA LEU C 297 7.63 -6.91 -4.61
C LEU C 297 6.76 -7.03 -5.87
N VAL C 298 7.24 -6.55 -7.00
CA VAL C 298 6.44 -6.60 -8.26
C VAL C 298 6.82 -7.85 -9.05
N ASN C 299 5.82 -8.62 -9.45
CA ASN C 299 6.03 -9.86 -10.25
C ASN C 299 4.84 -10.07 -11.19
N ASN C 300 5.13 -10.40 -12.45
CA ASN C 300 4.09 -10.66 -13.49
C ASN C 300 4.06 -12.17 -13.74
N ALA D 20 -24.94 2.87 -10.76
CA ALA D 20 -25.95 3.09 -9.67
C ALA D 20 -26.00 1.87 -8.74
N PHE D 21 -24.96 1.01 -8.77
CA PHE D 21 -24.94 -0.21 -7.91
C PHE D 21 -23.89 -0.08 -6.80
N ALA D 22 -24.32 -0.47 -5.58
CA ALA D 22 -23.47 -0.49 -4.38
C ALA D 22 -24.00 -1.59 -3.46
N VAL D 23 -23.14 -2.49 -3.01
CA VAL D 23 -23.58 -3.60 -2.11
C VAL D 23 -24.13 -2.96 -0.83
N ASP D 24 -25.29 -3.43 -0.35
CA ASP D 24 -25.87 -2.87 0.90
C ASP D 24 -25.53 -3.86 2.03
N ALA D 25 -24.31 -3.75 2.56
CA ALA D 25 -23.83 -4.65 3.64
C ALA D 25 -24.65 -4.46 4.92
N ALA D 26 -25.05 -3.23 5.23
CA ALA D 26 -25.87 -2.94 6.44
C ALA D 26 -27.15 -3.78 6.40
N LYS D 27 -27.87 -3.73 5.28
CA LYS D 27 -29.13 -4.52 5.13
C LYS D 27 -28.81 -6.01 5.21
N ALA D 28 -27.76 -6.46 4.50
CA ALA D 28 -27.35 -7.89 4.50
C ALA D 28 -27.11 -8.38 5.93
N TYR D 29 -26.39 -7.60 6.75
CA TYR D 29 -26.12 -8.04 8.15
C TYR D 29 -27.42 -8.09 8.95
N LYS D 30 -28.25 -7.05 8.85
CA LYS D 30 -29.54 -7.00 9.60
C LYS D 30 -30.42 -8.21 9.21
N ASP D 31 -30.52 -8.50 7.90
CA ASP D 31 -31.33 -9.68 7.43
C ASP D 31 -30.71 -10.97 7.99
N TYR D 32 -29.38 -11.07 7.95
CA TYR D 32 -28.64 -12.25 8.48
C TYR D 32 -28.96 -12.46 9.96
N LEU D 33 -28.95 -11.37 10.74
CA LEU D 33 -29.28 -11.46 12.19
C LEU D 33 -30.74 -11.90 12.36
N ALA D 34 -31.65 -11.28 11.59
CA ALA D 34 -33.10 -11.59 11.65
C ALA D 34 -33.35 -13.09 11.40
N SER D 35 -32.54 -13.71 10.54
CA SER D 35 -32.67 -15.16 10.19
C SER D 35 -31.98 -16.05 11.24
N GLY D 36 -31.53 -15.47 12.36
CA GLY D 36 -30.87 -16.23 13.45
C GLY D 36 -29.37 -16.40 13.25
N GLY D 37 -28.73 -15.51 12.47
CA GLY D 37 -27.28 -15.62 12.24
C GLY D 37 -26.49 -15.19 13.48
N GLN D 38 -25.37 -15.87 13.76
CA GLN D 38 -24.51 -15.55 14.93
C GLN D 38 -23.84 -14.20 14.70
N PRO D 39 -23.98 -13.24 15.64
CA PRO D 39 -23.35 -11.93 15.50
C PRO D 39 -21.83 -11.98 15.28
N ILE D 40 -21.28 -10.96 14.61
CA ILE D 40 -19.81 -10.86 14.43
C ILE D 40 -19.17 -10.90 15.82
N THR D 41 -18.10 -11.69 15.97
CA THR D 41 -17.41 -11.85 17.28
C THR D 41 -16.02 -11.22 17.23
N ASN D 42 -15.28 -11.38 18.33
CA ASN D 42 -13.87 -10.91 18.46
C ASN D 42 -13.80 -9.37 18.48
N CYS D 43 -14.91 -8.70 18.79
CA CYS D 43 -14.85 -7.24 19.00
C CYS D 43 -13.91 -7.04 20.19
N VAL D 44 -13.06 -6.02 20.15
CA VAL D 44 -12.02 -5.85 21.21
C VAL D 44 -12.58 -5.10 22.41
N LYS D 45 -12.85 -5.82 23.51
CA LYS D 45 -13.39 -5.16 24.71
C LYS D 45 -12.22 -4.63 25.56
N MET D 46 -12.31 -3.38 26.00
CA MET D 46 -11.21 -2.78 26.78
C MET D 46 -11.48 -2.87 28.28
N LEU D 47 -10.38 -2.89 29.05
CA LEU D 47 -10.45 -2.76 30.51
C LEU D 47 -10.61 -1.27 30.79
N CYS D 48 -11.51 -0.89 31.70
CA CYS D 48 -11.66 0.54 32.03
C CYS D 48 -12.29 0.65 33.42
N THR D 49 -12.39 1.87 33.94
CA THR D 49 -12.92 2.12 35.31
C THR D 49 -14.45 2.07 35.36
N HIS D 50 -15.13 2.22 34.21
CA HIS D 50 -16.62 2.29 34.14
C HIS D 50 -17.10 3.53 34.90
N THR D 51 -16.28 4.59 34.90
CA THR D 51 -16.63 5.89 35.52
C THR D 51 -16.67 6.98 34.44
N GLY D 52 -16.82 6.59 33.18
CA GLY D 52 -16.77 7.54 32.05
C GLY D 52 -18.06 8.33 31.83
N THR D 53 -18.01 9.21 30.83
CA THR D 53 -19.11 10.13 30.42
C THR D 53 -20.30 9.35 29.82
N GLY D 54 -20.08 8.14 29.30
CA GLY D 54 -21.18 7.40 28.67
C GLY D 54 -21.45 7.85 27.24
N GLN D 55 -20.67 8.80 26.72
CA GLN D 55 -20.84 9.23 25.30
C GLN D 55 -20.59 8.01 24.39
N ALA D 56 -21.24 8.01 23.22
CA ALA D 56 -21.22 6.88 22.26
C ALA D 56 -19.83 6.56 21.70
N ILE D 57 -19.14 7.56 21.13
CA ILE D 57 -17.83 7.33 20.45
C ILE D 57 -16.83 8.36 20.97
N THR D 58 -15.76 7.89 21.60
CA THR D 58 -14.82 8.79 22.32
C THR D 58 -13.36 8.47 22.00
N VAL D 59 -12.47 9.40 22.36
CA VAL D 59 -11.01 9.29 22.04
C VAL D 59 -10.36 8.27 22.98
N THR D 60 -11.00 7.98 24.10
CA THR D 60 -10.50 6.99 25.09
C THR D 60 -11.73 6.31 25.69
N PRO D 61 -11.63 5.10 26.28
CA PRO D 61 -12.79 4.44 26.85
C PRO D 61 -13.55 5.36 27.83
N GLU D 62 -14.87 5.48 27.64
CA GLU D 62 -15.73 6.34 28.48
C GLU D 62 -16.94 5.56 28.98
N ALA D 63 -16.84 4.24 29.06
CA ALA D 63 -17.98 3.44 29.54
C ALA D 63 -18.41 3.86 30.96
N ASN D 64 -19.72 3.93 31.17
CA ASN D 64 -20.27 4.10 32.54
C ASN D 64 -20.60 2.69 33.04
N MET D 65 -21.35 2.56 34.14
CA MET D 65 -21.68 1.22 34.70
C MET D 65 -22.77 0.52 33.88
N ASP D 66 -23.33 1.16 32.86
CA ASP D 66 -24.36 0.48 32.03
C ASP D 66 -23.77 0.14 30.66
N GLN D 67 -22.44 0.22 30.53
CA GLN D 67 -21.83 0.02 29.19
C GLN D 67 -20.50 -0.74 29.27
N GLU D 68 -20.05 -1.16 28.10
CA GLU D 68 -18.71 -1.77 27.89
C GLU D 68 -18.05 -0.89 26.82
N SER D 69 -16.74 -0.70 26.90
CA SER D 69 -15.98 0.08 25.91
C SER D 69 -15.25 -0.89 24.99
N PHE D 70 -15.35 -0.66 23.68
CA PHE D 70 -14.66 -1.51 22.70
C PHE D 70 -13.80 -0.68 21.75
N GLY D 71 -12.72 -1.26 21.24
CA GLY D 71 -11.94 -0.60 20.18
C GLY D 71 -12.89 -0.38 19.00
N GLY D 72 -12.92 0.83 18.46
CA GLY D 72 -13.89 1.22 17.42
C GLY D 72 -13.81 0.39 16.15
N ALA D 73 -12.62 0.24 15.60
CA ALA D 73 -12.47 -0.50 14.32
C ALA D 73 -13.11 -1.89 14.41
N SER D 74 -12.92 -2.59 15.52
CA SER D 74 -13.40 -3.99 15.67
C SER D 74 -14.93 -4.05 15.73
N CYS D 75 -15.60 -2.91 15.88
CA CYS D 75 -17.08 -2.87 16.01
C CYS D 75 -17.73 -2.27 14.76
N CYS D 76 -16.95 -2.04 13.71
CA CYS D 76 -17.46 -1.40 12.45
C CYS D 76 -17.70 -2.48 11.39
N LEU D 77 -18.93 -2.60 10.88
CA LEU D 77 -19.24 -3.63 9.86
C LEU D 77 -18.30 -3.47 8.66
N TYR D 78 -18.09 -2.23 8.21
CA TYR D 78 -17.30 -1.92 6.99
C TYR D 78 -15.84 -2.30 7.23
N CYS D 79 -15.29 -1.92 8.38
CA CYS D 79 -13.90 -2.29 8.72
C CYS D 79 -13.77 -3.81 8.79
N ARG D 80 -14.70 -4.47 9.51
CA ARG D 80 -14.63 -5.93 9.74
C ARG D 80 -14.84 -6.73 8.44
N CYS D 81 -15.71 -6.26 7.53
CA CYS D 81 -15.96 -6.98 6.26
C CYS D 81 -15.01 -6.51 5.15
N HIS D 82 -14.09 -5.60 5.47
CA HIS D 82 -13.13 -5.08 4.46
C HIS D 82 -13.90 -4.56 3.24
N ILE D 83 -14.91 -3.72 3.47
CA ILE D 83 -15.71 -3.09 2.38
C ILE D 83 -15.69 -1.56 2.61
N ASP D 84 -16.00 -0.80 1.55
CA ASP D 84 -15.97 0.69 1.61
C ASP D 84 -17.02 1.19 2.62
N HIS D 85 -16.72 2.32 3.26
CA HIS D 85 -17.65 3.00 4.20
C HIS D 85 -18.67 3.76 3.36
N PRO D 86 -19.98 3.63 3.64
CA PRO D 86 -21.01 4.26 2.81
C PRO D 86 -21.16 5.77 2.98
N ASN D 87 -20.17 6.53 2.47
CA ASN D 87 -20.19 8.02 2.50
C ASN D 87 -19.13 8.50 1.49
N PRO D 88 -19.32 9.68 0.86
CA PRO D 88 -18.37 10.17 -0.13
C PRO D 88 -16.88 10.02 0.20
N LYS D 89 -16.43 10.54 1.34
CA LYS D 89 -15.00 10.49 1.73
C LYS D 89 -14.54 9.10 2.18
N GLY D 90 -15.47 8.16 2.38
CA GLY D 90 -15.07 6.82 2.86
C GLY D 90 -14.49 6.90 4.27
N PHE D 91 -15.02 7.82 5.07
CA PHE D 91 -14.56 8.06 6.46
C PHE D 91 -15.24 7.09 7.42
N CYS D 92 -14.47 6.61 8.40
CA CYS D 92 -15.00 5.69 9.44
C CYS D 92 -15.14 6.48 10.74
N ASP D 93 -16.34 6.50 11.31
CA ASP D 93 -16.61 7.24 12.58
C ASP D 93 -16.15 6.43 13.80
N LEU D 94 -15.71 5.18 13.61
CA LEU D 94 -15.34 4.32 14.78
C LEU D 94 -13.83 4.06 14.89
N LYS D 95 -13.18 3.84 13.75
CA LYS D 95 -11.73 3.52 13.70
C LYS D 95 -10.90 4.55 14.47
N GLY D 96 -10.04 4.09 15.38
CA GLY D 96 -9.16 4.99 16.14
C GLY D 96 -9.84 5.57 17.36
N LYS D 97 -11.09 5.19 17.61
CA LYS D 97 -11.87 5.68 18.77
C LYS D 97 -12.34 4.48 19.60
N TYR D 98 -13.12 4.75 20.63
CA TYR D 98 -13.69 3.72 21.52
C TYR D 98 -15.20 3.88 21.47
N VAL D 99 -15.90 2.78 21.25
CA VAL D 99 -17.38 2.86 21.21
C VAL D 99 -17.93 2.25 22.51
N GLN D 100 -18.85 2.99 23.15
CA GLN D 100 -19.54 2.54 24.38
C GLN D 100 -20.81 1.80 23.92
N ILE D 101 -20.93 0.53 24.31
CA ILE D 101 -22.09 -0.32 23.90
C ILE D 101 -22.86 -0.68 25.18
N PRO D 102 -24.18 -0.48 25.23
CA PRO D 102 -24.96 -0.89 26.40
C PRO D 102 -24.62 -2.36 26.69
N THR D 103 -24.47 -2.71 27.97
N THR D 103 -24.45 -2.72 27.97
CA THR D 103 -24.10 -4.08 28.42
CA THR D 103 -24.08 -4.10 28.37
C THR D 103 -25.06 -5.13 27.83
C THR D 103 -25.05 -5.13 27.78
N THR D 104 -26.36 -4.83 27.78
CA THR D 104 -27.37 -5.78 27.23
C THR D 104 -27.16 -6.01 25.72
N CYS D 105 -26.43 -5.11 25.04
CA CYS D 105 -26.19 -5.22 23.57
C CYS D 105 -24.72 -5.57 23.26
N ALA D 106 -23.90 -5.78 24.29
CA ALA D 106 -22.45 -6.07 24.13
C ALA D 106 -22.19 -7.39 23.41
N ASN D 107 -23.21 -8.24 23.25
CA ASN D 107 -23.04 -9.52 22.52
C ASN D 107 -22.96 -9.29 21.00
N ASP D 108 -23.39 -8.11 20.54
CA ASP D 108 -23.38 -7.78 19.08
C ASP D 108 -23.07 -6.29 18.91
N PRO D 109 -21.83 -5.84 19.20
CA PRO D 109 -21.46 -4.44 19.04
C PRO D 109 -21.59 -3.95 17.60
N VAL D 110 -21.23 -4.79 16.62
CA VAL D 110 -21.34 -4.36 15.19
C VAL D 110 -22.81 -4.07 14.89
N GLY D 111 -23.71 -4.99 15.28
CA GLY D 111 -25.15 -4.77 15.04
C GLY D 111 -25.64 -3.52 15.75
N PHE D 112 -25.13 -3.25 16.95
CA PHE D 112 -25.57 -2.07 17.73
C PHE D 112 -25.15 -0.76 17.03
N THR D 113 -23.89 -0.67 16.60
CA THR D 113 -23.43 0.58 15.92
C THR D 113 -24.20 0.78 14.61
N LEU D 114 -24.47 -0.31 13.88
CA LEU D 114 -25.22 -0.21 12.59
C LEU D 114 -26.63 0.32 12.80
N LYS D 115 -27.35 -0.26 13.78
CA LYS D 115 -28.78 0.05 14.04
C LYS D 115 -28.99 1.35 14.83
N ASN D 116 -27.95 1.92 15.44
CA ASN D 116 -28.21 3.14 16.27
C ASN D 116 -27.51 4.38 15.70
N THR D 117 -27.89 5.54 16.24
CA THR D 117 -27.43 6.88 15.82
C THR D 117 -26.94 7.69 17.02
N VAL D 118 -25.79 8.36 16.85
CA VAL D 118 -25.23 9.24 17.90
C VAL D 118 -25.92 10.61 17.80
N CYS D 119 -26.28 11.18 18.95
CA CYS D 119 -26.89 12.53 18.98
C CYS D 119 -25.79 13.56 18.68
N THR D 120 -25.99 14.39 17.66
CA THR D 120 -24.96 15.40 17.27
C THR D 120 -24.86 16.51 18.32
N VAL D 121 -25.80 16.57 19.27
CA VAL D 121 -25.80 17.66 20.29
C VAL D 121 -25.07 17.19 21.57
N CYS D 122 -25.51 16.09 22.19
CA CYS D 122 -24.90 15.64 23.47
C CYS D 122 -23.87 14.52 23.28
N GLY D 123 -23.79 13.91 22.09
CA GLY D 123 -22.80 12.84 21.86
C GLY D 123 -23.21 11.50 22.45
N MET D 124 -24.45 11.39 22.95
CA MET D 124 -24.97 10.12 23.52
C MET D 124 -25.73 9.35 22.45
N TRP D 125 -25.88 8.03 22.61
CA TRP D 125 -26.70 7.23 21.65
C TRP D 125 -28.17 7.64 21.75
N LYS D 126 -28.82 7.84 20.60
CA LYS D 126 -30.28 8.15 20.65
C LYS D 126 -30.98 6.89 21.18
N GLY D 127 -31.78 7.03 22.25
CA GLY D 127 -32.51 5.90 22.84
C GLY D 127 -31.71 5.20 23.92
N TYR D 128 -30.42 5.53 24.07
CA TYR D 128 -29.56 4.88 25.10
C TYR D 128 -28.63 5.92 25.75
N GLY D 129 -29.19 7.02 26.26
CA GLY D 129 -28.38 8.06 26.94
C GLY D 129 -28.79 9.47 26.55
N CYS D 130 -29.17 9.70 25.29
CA CYS D 130 -29.57 11.07 24.85
C CYS D 130 -30.86 11.48 25.57
N SER D 131 -30.79 12.58 26.33
CA SER D 131 -31.97 13.11 27.08
C SER D 131 -32.30 14.52 26.57
N CYS D 132 -31.85 14.85 25.35
CA CYS D 132 -32.10 16.18 24.73
C CYS D 132 -33.60 16.50 24.71
N ASP D 133 -34.47 15.48 24.81
CA ASP D 133 -35.93 15.69 24.79
C ASP D 133 -36.47 15.79 26.24
N GLN D 134 -36.53 17.02 26.77
CA GLN D 134 -37.03 17.28 28.15
C GLN D 134 -38.56 17.45 28.10
NA NA E . 0.76 -7.81 -24.57
NA NA F . -4.36 9.78 9.55
C FMT G . -3.74 23.18 -21.59
O1 FMT G . -3.41 22.48 -20.66
O2 FMT G . -2.93 23.74 -22.43
C FMT H . 18.14 18.25 -30.47
O1 FMT H . 17.16 18.92 -30.22
O2 FMT H . 18.27 16.99 -30.19
C FMT I . 17.77 -2.99 -10.41
O1 FMT I . 17.17 -4.04 -10.51
O2 FMT I . 17.62 -1.96 -11.20
C FMT J . 12.17 7.23 -6.94
O1 FMT J . 12.60 6.32 -6.25
O2 FMT J . 12.54 8.47 -6.83
C FMT K . 19.24 3.16 -8.45
O1 FMT K . 18.79 4.27 -8.25
O2 FMT K . 18.53 2.11 -8.75
C FMT L . 21.41 19.51 -20.21
O1 FMT L . 21.48 19.46 -19.01
O2 FMT L . 21.99 20.40 -20.97
C FMT M . -5.45 21.85 -24.78
O1 FMT M . -6.01 20.92 -24.22
O2 FMT M . -5.61 22.17 -26.03
ZN ZN N . -10.92 -8.91 -9.55
ZN ZN O . -14.50 -27.03 -23.42
NA NA P . -26.66 -6.61 -25.30
NA NA Q . -16.90 -16.66 -13.92
NA NA R . 1.65 -10.84 17.27
NA NA S . -5.25 7.36 25.10
NA NA T . 3.55 -4.81 1.58
C FMT U . 12.40 13.20 11.92
O1 FMT U . 11.27 13.64 11.86
O2 FMT U . 12.76 12.13 12.55
C FMT V . 8.61 -20.59 22.47
O1 FMT V . 8.55 -19.86 21.50
O2 FMT V . 9.69 -20.82 23.15
C FMT W . -8.44 -12.40 18.43
O1 FMT W . -7.74 -13.21 17.85
O2 FMT W . -8.45 -11.12 18.18
C FMT X . 16.94 8.67 9.85
O1 FMT X . 16.30 7.84 9.24
O2 FMT X . 16.48 9.40 10.81
C FMT Y . 13.35 1.69 7.93
O1 FMT Y . 13.44 2.61 7.13
O2 FMT Y . 14.32 0.91 8.29
C FMT Z . -0.33 15.39 21.61
O1 FMT Z . -0.19 14.34 22.19
O2 FMT Z . 0.54 15.91 20.80
C FMT AA . 16.25 -5.84 41.42
O1 FMT AA . 16.60 -6.67 42.24
O2 FMT AA . 16.85 -5.62 40.29
C FMT BA . 5.90 -20.72 25.71
O1 FMT BA . 6.52 -20.97 26.71
O2 FMT BA . 6.21 -19.78 24.86
C FMT CA . -4.22 -13.60 18.77
O1 FMT CA . -4.50 -14.21 19.78
O2 FMT CA . -3.69 -14.14 17.72
ZN ZN DA . -14.93 1.36 9.80
ZN ZN EA . -28.73 14.42 22.71
NA NA FA . -24.33 4.47 13.56
C FMT GA . -10.70 6.91 8.94
O1 FMT GA . -11.75 6.87 8.32
O2 FMT GA . -10.53 7.58 10.05
#